data_5BNB
#
_entry.id   5BNB
#
_cell.length_a   94.906
_cell.length_b   45.854
_cell.length_c   110.576
_cell.angle_alpha   90.00
_cell.angle_beta   93.14
_cell.angle_gamma   90.00
#
_symmetry.space_group_name_H-M   'P 1 21 1'
#
loop_
_entity.id
_entity.type
_entity.pdbx_description
1 polymer 'Ubiquitin-conjugating enzyme E2 S'
2 polymer Polyubiquitin-B
3 water water
#
loop_
_entity_poly.entity_id
_entity_poly.type
_entity_poly.pdbx_seq_one_letter_code
_entity_poly.pdbx_strand_id
1 'polypeptide(L)'
;MNSNVENLPPHIIRLVYKEVTTLTADPPDGIKVFPNEEDLTDLQVTIEGPEGTPYAGGLFRMKLLLGKDFPASPPKGYFL
TKIFHPNVGANGEICVNVLKRDWTAELGIRHVLLTIKMLLIHPNPESALNEEAGRLLLENYEEYAARARLLTEIHG
;
A,B,C,D
2 'polypeptide(L)' MQIFVKTLTGKTITLEVEPSDTIENVKAKIQDKEGIPPDQQRLIFAGKQLEDGRTLSDYNIQKESTLHLVLRLRGC E,F,G,I
#
# COMPACT_ATOMS: atom_id res chain seq x y z
N ASN A 7 -39.30 25.62 -3.01
CA ASN A 7 -40.23 26.72 -3.15
C ASN A 7 -39.52 28.07 -3.29
N LEU A 8 -38.56 28.13 -4.21
CA LEU A 8 -37.85 29.37 -4.50
C LEU A 8 -38.79 30.33 -5.22
N PRO A 9 -38.51 31.64 -5.12
CA PRO A 9 -39.31 32.61 -5.87
C PRO A 9 -39.23 32.33 -7.38
N PRO A 10 -40.30 32.61 -8.13
CA PRO A 10 -40.31 32.29 -9.56
C PRO A 10 -39.19 33.01 -10.33
N HIS A 11 -38.87 34.24 -9.93
CA HIS A 11 -37.83 34.99 -10.63
C HIS A 11 -36.46 34.38 -10.39
N ILE A 12 -36.30 33.68 -9.27
CA ILE A 12 -35.07 32.95 -9.00
C ILE A 12 -35.01 31.69 -9.85
N ILE A 13 -36.13 30.94 -9.90
CA ILE A 13 -36.24 29.77 -10.76
C ILE A 13 -35.90 30.14 -12.20
N ARG A 14 -36.39 31.30 -12.62
CA ARG A 14 -36.15 31.79 -13.98
C ARG A 14 -34.66 32.03 -14.22
N LEU A 15 -33.94 32.41 -13.17
CA LEU A 15 -32.50 32.60 -13.26
C LEU A 15 -31.76 31.27 -13.24
N VAL A 16 -32.29 30.32 -12.49
CA VAL A 16 -31.69 28.99 -12.40
C VAL A 16 -31.74 28.27 -13.74
N TYR A 17 -32.89 28.34 -14.40
CA TYR A 17 -33.07 27.72 -15.71
C TYR A 17 -32.05 28.24 -16.72
N LYS A 18 -31.68 29.51 -16.58
CA LYS A 18 -30.68 30.12 -17.45
C LYS A 18 -29.30 29.53 -17.21
N GLU A 19 -28.85 29.55 -15.96
CA GLU A 19 -27.54 29.00 -15.59
C GLU A 19 -27.41 27.55 -16.02
N VAL A 20 -28.34 26.71 -15.56
CA VAL A 20 -28.28 25.28 -15.81
C VAL A 20 -28.27 24.95 -17.30
N THR A 21 -29.09 25.66 -18.06
CA THR A 21 -29.18 25.43 -19.51
C THR A 21 -27.85 25.74 -20.18
N THR A 22 -27.27 26.88 -19.85
CA THR A 22 -25.95 27.25 -20.36
C THR A 22 -24.88 26.31 -19.82
N LEU A 23 -24.93 26.05 -18.52
CA LEU A 23 -23.93 25.23 -17.85
C LEU A 23 -23.91 23.80 -18.38
N THR A 24 -25.10 23.28 -18.70
CA THR A 24 -25.23 21.92 -19.21
C THR A 24 -24.67 21.81 -20.63
N ALA A 25 -24.86 22.85 -21.43
CA ALA A 25 -24.43 22.85 -22.82
C ALA A 25 -22.93 23.03 -22.97
N ASP A 26 -22.28 23.49 -21.90
CA ASP A 26 -20.86 23.79 -21.94
C ASP A 26 -20.28 23.89 -20.54
N PRO A 27 -20.17 22.75 -19.83
CA PRO A 27 -19.62 22.75 -18.47
C PRO A 27 -18.10 22.90 -18.46
N PRO A 28 -17.53 23.20 -17.29
CA PRO A 28 -16.06 23.18 -17.13
C PRO A 28 -15.49 21.79 -17.39
N ASP A 29 -14.18 21.73 -17.62
CA ASP A 29 -13.53 20.46 -17.91
C ASP A 29 -13.66 19.47 -16.74
N GLY A 30 -13.86 18.20 -17.08
CA GLY A 30 -13.97 17.16 -16.07
C GLY A 30 -15.28 17.19 -15.30
N ILE A 31 -16.18 18.10 -15.70
CA ILE A 31 -17.46 18.27 -15.02
C ILE A 31 -18.61 18.14 -16.01
N LYS A 32 -19.67 17.46 -15.58
CA LYS A 32 -20.83 17.23 -16.42
C LYS A 32 -22.12 17.35 -15.62
N VAL A 33 -22.95 18.31 -16.01
CA VAL A 33 -24.26 18.50 -15.39
C VAL A 33 -25.31 17.78 -16.22
N PHE A 34 -26.07 16.89 -15.58
CA PHE A 34 -27.08 16.11 -16.29
C PHE A 34 -28.35 16.92 -16.50
N PRO A 35 -29.01 16.76 -17.66
CA PRO A 35 -30.27 17.46 -17.91
C PRO A 35 -31.31 17.22 -16.82
N ASN A 36 -31.87 18.31 -16.29
CA ASN A 36 -32.90 18.24 -15.27
C ASN A 36 -34.16 18.96 -15.75
N GLU A 37 -35.26 18.23 -15.83
CA GLU A 37 -36.55 18.81 -16.20
C GLU A 37 -37.58 18.62 -15.10
N GLU A 38 -37.20 17.89 -14.05
CA GLU A 38 -38.08 17.67 -12.91
C GLU A 38 -37.96 18.81 -11.91
N ASP A 39 -36.80 18.90 -11.28
CA ASP A 39 -36.55 19.87 -10.22
C ASP A 39 -35.14 20.42 -10.33
N LEU A 40 -35.03 21.64 -10.85
CA LEU A 40 -33.73 22.27 -11.05
C LEU A 40 -33.12 22.76 -9.73
N THR A 41 -33.89 22.65 -8.66
CA THR A 41 -33.38 22.92 -7.31
C THR A 41 -32.46 21.78 -6.87
N ASP A 42 -32.51 20.66 -7.60
CA ASP A 42 -31.77 19.45 -7.27
C ASP A 42 -30.99 18.96 -8.48
N LEU A 43 -29.81 19.51 -8.70
CA LEU A 43 -29.02 19.23 -9.90
C LEU A 43 -28.12 18.01 -9.69
N GLN A 44 -28.03 17.17 -10.72
CA GLN A 44 -27.16 16.00 -10.70
C GLN A 44 -25.90 16.26 -11.50
N VAL A 45 -24.74 16.00 -10.90
CA VAL A 45 -23.46 16.34 -11.51
C VAL A 45 -22.42 15.25 -11.30
N THR A 46 -21.54 15.08 -12.28
CA THR A 46 -20.38 14.20 -12.15
C THR A 46 -19.10 15.01 -12.26
N ILE A 47 -18.17 14.75 -11.33
CA ILE A 47 -16.87 15.39 -11.34
C ILE A 47 -15.78 14.35 -11.51
N GLU A 48 -15.04 14.44 -12.60
CA GLU A 48 -13.92 13.53 -12.84
C GLU A 48 -12.81 13.82 -11.84
N GLY A 49 -12.31 12.77 -11.20
CA GLY A 49 -11.16 12.91 -10.33
C GLY A 49 -9.98 13.46 -11.11
N PRO A 50 -9.42 14.60 -10.67
CA PRO A 50 -8.31 15.20 -11.42
C PRO A 50 -7.10 14.27 -11.53
N GLU A 51 -6.47 14.24 -12.70
CA GLU A 51 -5.24 13.47 -12.86
C GLU A 51 -4.14 14.11 -12.00
N GLY A 52 -3.33 13.27 -11.37
CA GLY A 52 -2.30 13.74 -10.47
C GLY A 52 -2.77 13.81 -9.03
N THR A 53 -3.95 13.26 -8.77
CA THR A 53 -4.51 13.21 -7.43
C THR A 53 -4.90 11.76 -7.10
N PRO A 54 -5.10 11.47 -5.80
CA PRO A 54 -5.54 10.12 -5.42
C PRO A 54 -6.85 9.73 -6.09
N TYR A 55 -7.66 10.73 -6.38
CA TYR A 55 -9.00 10.50 -6.94
C TYR A 55 -8.97 10.31 -8.45
N ALA A 56 -7.80 10.42 -9.05
CA ALA A 56 -7.63 10.28 -10.50
C ALA A 56 -8.25 8.98 -11.01
N GLY A 57 -8.90 9.06 -12.18
CA GLY A 57 -9.50 7.90 -12.80
C GLY A 57 -10.94 7.70 -12.38
N GLY A 58 -11.25 8.12 -11.15
CA GLY A 58 -12.59 7.94 -10.60
C GLY A 58 -13.60 8.93 -11.16
N LEU A 59 -14.87 8.52 -11.13
CA LEU A 59 -15.99 9.38 -11.53
C LEU A 59 -16.93 9.54 -10.34
N PHE A 60 -17.06 10.77 -9.85
CA PHE A 60 -17.79 11.01 -8.61
C PHE A 60 -19.13 11.70 -8.84
N ARG A 61 -20.20 10.94 -8.63
CA ARG A 61 -21.56 11.48 -8.71
C ARG A 61 -21.86 12.34 -7.49
N MET A 62 -22.44 13.51 -7.73
CA MET A 62 -22.88 14.39 -6.64
C MET A 62 -24.21 15.05 -7.00
N LYS A 63 -24.86 15.62 -6.00
CA LYS A 63 -26.04 16.43 -6.22
C LYS A 63 -25.89 17.79 -5.55
N LEU A 64 -26.29 18.84 -6.26
CA LEU A 64 -26.23 20.20 -5.74
C LEU A 64 -27.62 20.67 -5.36
N LEU A 65 -27.81 21.00 -4.09
CA LEU A 65 -29.11 21.44 -3.59
C LEU A 65 -29.15 22.95 -3.38
N LEU A 66 -30.09 23.61 -4.04
CA LEU A 66 -30.30 25.04 -3.87
C LEU A 66 -31.30 25.28 -2.73
N GLY A 67 -30.80 25.74 -1.60
CA GLY A 67 -31.63 25.94 -0.42
C GLY A 67 -32.69 27.00 -0.61
N LYS A 68 -33.44 27.27 0.46
CA LYS A 68 -34.54 28.23 0.41
C LYS A 68 -34.05 29.65 0.14
N ASP A 69 -32.94 30.02 0.77
CA ASP A 69 -32.42 31.38 0.65
C ASP A 69 -31.31 31.46 -0.41
N PHE A 70 -31.43 30.64 -1.44
CA PHE A 70 -30.55 30.74 -2.60
C PHE A 70 -31.06 31.86 -3.49
N PRO A 71 -30.15 32.69 -4.05
CA PRO A 71 -28.68 32.66 -3.99
C PRO A 71 -28.07 33.56 -2.90
N ALA A 72 -28.88 34.05 -1.97
CA ALA A 72 -28.36 34.85 -0.87
C ALA A 72 -27.36 34.04 -0.07
N SER A 73 -27.64 32.74 0.04
CA SER A 73 -26.72 31.78 0.66
C SER A 73 -26.22 30.82 -0.42
N PRO A 74 -25.05 30.20 -0.19
CA PRO A 74 -24.50 29.30 -1.21
C PRO A 74 -25.23 27.96 -1.27
N PRO A 75 -25.20 27.28 -2.42
CA PRO A 75 -25.78 25.93 -2.51
C PRO A 75 -25.11 24.94 -1.56
N LYS A 76 -25.79 23.83 -1.29
CA LYS A 76 -25.24 22.77 -0.45
C LYS A 76 -25.00 21.52 -1.29
N GLY A 77 -23.73 21.12 -1.41
CA GLY A 77 -23.36 19.99 -2.24
C GLY A 77 -23.29 18.69 -1.45
N TYR A 78 -23.57 17.59 -2.13
CA TYR A 78 -23.50 16.26 -1.52
C TYR A 78 -22.96 15.23 -2.51
N PHE A 79 -21.89 14.55 -2.12
CA PHE A 79 -21.39 13.43 -2.91
C PHE A 79 -22.27 12.21 -2.70
N LEU A 80 -22.67 11.58 -3.81
CA LEU A 80 -23.36 10.31 -3.75
C LEU A 80 -22.32 9.21 -3.69
N THR A 81 -21.24 9.42 -4.43
CA THR A 81 -20.10 8.51 -4.43
C THR A 81 -19.39 8.57 -3.09
N LYS A 82 -19.09 7.39 -2.53
CA LYS A 82 -18.31 7.32 -1.30
C LYS A 82 -16.88 7.78 -1.60
N ILE A 83 -16.33 8.59 -0.71
CA ILE A 83 -15.01 9.19 -0.94
C ILE A 83 -14.29 9.43 0.37
N PHE A 84 -12.96 9.41 0.31
CA PHE A 84 -12.12 9.71 1.47
C PHE A 84 -11.51 11.09 1.29
N HIS A 85 -12.15 12.09 1.88
CA HIS A 85 -11.76 13.47 1.72
C HIS A 85 -12.05 14.23 3.02
N PRO A 86 -11.10 15.06 3.48
CA PRO A 86 -11.28 15.77 4.75
C PRO A 86 -12.57 16.59 4.81
N ASN A 87 -13.01 17.09 3.67
CA ASN A 87 -14.13 18.03 3.61
C ASN A 87 -15.46 17.40 3.19
N VAL A 88 -15.52 16.07 3.20
CA VAL A 88 -16.76 15.37 2.87
C VAL A 88 -17.21 14.50 4.05
N GLY A 89 -18.43 14.77 4.52
CA GLY A 89 -18.96 14.05 5.67
C GLY A 89 -19.45 12.66 5.31
N ALA A 90 -19.90 11.92 6.32
CA ALA A 90 -20.40 10.56 6.12
C ALA A 90 -21.65 10.57 5.26
N ASN A 91 -22.45 11.63 5.37
CA ASN A 91 -23.65 11.78 4.55
C ASN A 91 -23.32 12.30 3.16
N GLY A 92 -22.04 12.57 2.91
CA GLY A 92 -21.60 13.08 1.63
C GLY A 92 -21.56 14.59 1.57
N GLU A 93 -21.98 15.24 2.66
CA GLU A 93 -22.02 16.70 2.72
C GLU A 93 -20.65 17.32 2.48
N ILE A 94 -20.60 18.27 1.55
CA ILE A 94 -19.35 18.96 1.21
C ILE A 94 -19.25 20.28 1.96
N CYS A 95 -18.16 20.45 2.70
CA CYS A 95 -17.90 21.69 3.43
C CYS A 95 -16.83 22.51 2.72
N VAL A 96 -17.28 23.54 2.00
CA VAL A 96 -16.38 24.42 1.25
C VAL A 96 -16.22 25.75 2.00
N ASN A 97 -15.45 25.71 3.08
CA ASN A 97 -15.30 26.83 4.00
C ASN A 97 -15.03 28.17 3.33
N VAL A 98 -14.08 28.18 2.39
CA VAL A 98 -13.68 29.41 1.72
C VAL A 98 -14.81 29.97 0.86
N LEU A 99 -15.56 29.09 0.21
CA LEU A 99 -16.65 29.51 -0.65
C LEU A 99 -17.76 30.20 0.15
N LYS A 100 -18.15 29.58 1.26
CA LYS A 100 -19.23 30.11 2.08
C LYS A 100 -18.87 31.49 2.62
N ARG A 101 -17.57 31.74 2.77
CA ARG A 101 -17.10 33.05 3.22
C ARG A 101 -17.07 34.05 2.07
N ASP A 102 -16.60 33.60 0.91
CA ASP A 102 -16.46 34.45 -0.26
C ASP A 102 -17.62 34.31 -1.23
N TRP A 103 -18.83 34.11 -0.70
CA TRP A 103 -20.01 33.90 -1.55
C TRP A 103 -20.85 35.16 -1.73
N THR A 104 -21.32 35.36 -2.95
CA THR A 104 -22.36 36.34 -3.25
C THR A 104 -23.26 35.75 -4.33
N ALA A 105 -24.40 36.38 -4.56
CA ALA A 105 -25.39 35.85 -5.50
C ALA A 105 -24.90 35.88 -6.95
N GLU A 106 -23.79 36.57 -7.21
CA GLU A 106 -23.31 36.77 -8.56
C GLU A 106 -22.33 35.68 -9.03
N LEU A 107 -21.78 34.93 -8.08
CA LEU A 107 -20.78 33.90 -8.40
C LEU A 107 -21.31 32.88 -9.40
N GLY A 108 -22.48 32.32 -9.12
CA GLY A 108 -23.12 31.39 -10.03
C GLY A 108 -22.82 29.94 -9.71
N ILE A 109 -23.65 29.05 -10.24
CA ILE A 109 -23.53 27.62 -9.99
C ILE A 109 -22.23 27.05 -10.56
N ARG A 110 -21.74 27.64 -11.64
CA ARG A 110 -20.50 27.19 -12.25
C ARG A 110 -19.34 27.33 -11.28
N HIS A 111 -19.30 28.45 -10.56
CA HIS A 111 -18.22 28.70 -9.61
C HIS A 111 -18.23 27.68 -8.47
N VAL A 112 -19.44 27.27 -8.08
CA VAL A 112 -19.58 26.32 -6.99
C VAL A 112 -19.00 24.96 -7.39
N LEU A 113 -19.33 24.50 -8.59
CA LEU A 113 -18.84 23.22 -9.08
C LEU A 113 -17.33 23.24 -9.25
N LEU A 114 -16.80 24.36 -9.74
CA LEU A 114 -15.35 24.52 -9.86
C LEU A 114 -14.70 24.44 -8.50
N THR A 115 -15.29 25.11 -7.51
CA THR A 115 -14.77 25.12 -6.15
C THR A 115 -14.67 23.70 -5.59
N ILE A 116 -15.64 22.86 -5.92
CA ILE A 116 -15.67 21.48 -5.44
C ILE A 116 -14.58 20.67 -6.11
N LYS A 117 -14.38 20.91 -7.40
CA LYS A 117 -13.30 20.26 -8.15
C LYS A 117 -11.93 20.67 -7.60
N MET A 118 -11.78 21.95 -7.29
CA MET A 118 -10.53 22.45 -6.71
C MET A 118 -10.28 21.82 -5.35
N LEU A 119 -11.36 21.46 -4.67
CA LEU A 119 -11.27 20.89 -3.32
C LEU A 119 -10.65 19.50 -3.35
N LEU A 120 -10.90 18.76 -4.43
CA LEU A 120 -10.31 17.43 -4.60
C LEU A 120 -8.80 17.56 -4.80
N ILE A 121 -8.37 18.69 -5.35
CA ILE A 121 -6.96 18.96 -5.58
C ILE A 121 -6.32 19.61 -4.36
N HIS A 122 -7.06 20.49 -3.71
CA HIS A 122 -6.55 21.28 -2.59
C HIS A 122 -7.50 21.23 -1.41
N PRO A 123 -7.43 20.13 -0.63
CA PRO A 123 -8.31 19.97 0.53
C PRO A 123 -8.04 21.02 1.61
N ASN A 124 -8.92 21.10 2.60
CA ASN A 124 -8.79 22.06 3.69
C ASN A 124 -9.03 21.38 5.04
N PRO A 125 -7.97 20.82 5.64
CA PRO A 125 -8.13 20.09 6.91
C PRO A 125 -8.44 21.01 8.09
N GLU A 126 -8.37 22.32 7.88
CA GLU A 126 -8.72 23.28 8.92
C GLU A 126 -10.22 23.26 9.19
N SER A 127 -10.98 22.68 8.25
CA SER A 127 -12.42 22.56 8.37
C SER A 127 -12.86 21.18 7.90
N ALA A 128 -12.40 20.14 8.60
CA ALA A 128 -12.61 18.77 8.17
C ALA A 128 -13.90 18.16 8.72
N LEU A 129 -14.74 17.65 7.82
CA LEU A 129 -15.89 16.84 8.20
C LEU A 129 -15.44 15.40 8.46
N ASN A 130 -14.37 15.01 7.77
CA ASN A 130 -13.73 13.71 7.97
C ASN A 130 -12.39 13.92 8.66
N GLU A 131 -12.42 14.08 9.98
CA GLU A 131 -11.24 14.44 10.75
C GLU A 131 -10.11 13.44 10.60
N GLU A 132 -10.44 12.18 10.35
CA GLU A 132 -9.41 11.17 10.12
C GLU A 132 -8.63 11.51 8.86
N ALA A 133 -9.34 11.82 7.78
CA ALA A 133 -8.72 12.22 6.53
C ALA A 133 -8.02 13.56 6.71
N GLY A 134 -8.50 14.35 7.67
CA GLY A 134 -7.92 15.65 7.95
C GLY A 134 -6.56 15.54 8.60
N ARG A 135 -6.46 14.70 9.63
CA ARG A 135 -5.21 14.51 10.34
C ARG A 135 -4.19 13.79 9.46
N LEU A 136 -4.64 12.79 8.73
CA LEU A 136 -3.76 12.03 7.83
C LEU A 136 -3.14 12.92 6.77
N LEU A 137 -3.94 13.82 6.20
CA LEU A 137 -3.46 14.73 5.16
C LEU A 137 -2.29 15.58 5.66
N LEU A 138 -2.30 15.89 6.97
CA LEU A 138 -1.29 16.75 7.56
C LEU A 138 -0.09 15.97 8.10
N GLU A 139 -0.35 14.80 8.66
CA GLU A 139 0.67 14.02 9.35
C GLU A 139 1.31 12.97 8.46
N ASN A 140 0.56 12.45 7.49
CA ASN A 140 1.04 11.41 6.59
C ASN A 140 0.27 11.41 5.29
N TYR A 141 0.68 12.28 4.36
CA TYR A 141 -0.04 12.43 3.09
C TYR A 141 -0.11 11.12 2.31
N GLU A 142 0.95 10.33 2.39
CA GLU A 142 1.04 9.09 1.63
C GLU A 142 -0.03 8.10 2.09
N GLU A 143 -0.37 8.14 3.38
CA GLU A 143 -1.41 7.28 3.93
C GLU A 143 -2.78 7.72 3.41
N TYR A 144 -2.99 9.03 3.35
CA TYR A 144 -4.22 9.60 2.83
C TYR A 144 -4.39 9.26 1.35
N ALA A 145 -3.33 9.49 0.58
CA ALA A 145 -3.34 9.19 -0.85
C ALA A 145 -3.63 7.73 -1.10
N ALA A 146 -3.14 6.86 -0.22
CA ALA A 146 -3.32 5.43 -0.37
C ALA A 146 -4.80 5.04 -0.24
N ARG A 147 -5.41 5.42 0.87
CA ARG A 147 -6.80 5.05 1.14
C ARG A 147 -7.75 5.76 0.19
N ALA A 148 -7.45 7.04 -0.10
CA ALA A 148 -8.26 7.80 -1.05
C ALA A 148 -8.21 7.14 -2.42
N ARG A 149 -7.03 6.65 -2.79
CA ARG A 149 -6.84 5.97 -4.06
C ARG A 149 -7.53 4.61 -4.05
N LEU A 150 -7.59 3.98 -2.88
CA LEU A 150 -8.25 2.68 -2.75
C LEU A 150 -9.77 2.82 -2.87
N LEU A 151 -10.34 3.81 -2.18
CA LEU A 151 -11.78 4.04 -2.23
C LEU A 151 -12.21 4.58 -3.59
N THR A 152 -11.25 5.08 -4.36
CA THR A 152 -11.53 5.59 -5.69
C THR A 152 -11.58 4.44 -6.70
N GLU A 153 -10.80 3.41 -6.43
CA GLU A 153 -10.80 2.22 -7.28
C GLU A 153 -12.09 1.43 -7.08
N ILE A 154 -12.66 1.52 -5.88
CA ILE A 154 -13.84 0.75 -5.53
C ILE A 154 -15.14 1.48 -5.87
N HIS A 155 -15.19 2.78 -5.61
CA HIS A 155 -16.42 3.56 -5.79
C HIS A 155 -16.35 4.52 -6.98
N GLY A 156 -15.14 4.82 -7.45
CA GLY A 156 -14.98 5.77 -8.54
C GLY A 156 -15.47 5.25 -9.87
N ASN B 7 37.36 -36.88 -3.58
CA ASN B 7 38.77 -37.18 -3.33
C ASN B 7 39.66 -36.00 -3.69
N LEU B 8 39.64 -34.98 -2.83
CA LEU B 8 40.35 -33.73 -3.09
C LEU B 8 41.86 -33.88 -2.92
N PRO B 9 42.65 -33.08 -3.64
CA PRO B 9 44.10 -33.02 -3.41
C PRO B 9 44.44 -32.57 -1.98
N PRO B 10 45.64 -32.90 -1.50
CA PRO B 10 46.03 -32.56 -0.12
C PRO B 10 46.13 -31.06 0.14
N HIS B 11 46.63 -30.31 -0.84
CA HIS B 11 46.84 -28.88 -0.68
C HIS B 11 45.50 -28.17 -0.52
N ILE B 12 44.44 -28.79 -1.05
CA ILE B 12 43.09 -28.26 -0.88
C ILE B 12 42.50 -28.74 0.44
N ILE B 13 42.73 -30.01 0.76
CA ILE B 13 42.25 -30.57 2.02
C ILE B 13 42.85 -29.82 3.19
N ARG B 14 44.12 -29.42 3.05
CA ARG B 14 44.80 -28.67 4.09
C ARG B 14 44.07 -27.37 4.42
N LEU B 15 43.57 -26.71 3.38
CA LEU B 15 42.85 -25.45 3.57
C LEU B 15 41.47 -25.68 4.20
N VAL B 16 40.83 -26.79 3.86
CA VAL B 16 39.52 -27.10 4.43
C VAL B 16 39.63 -27.35 5.93
N TYR B 17 40.58 -28.19 6.32
CA TYR B 17 40.78 -28.54 7.72
C TYR B 17 41.01 -27.30 8.58
N LYS B 18 41.90 -26.42 8.12
CA LYS B 18 42.20 -25.19 8.85
C LYS B 18 40.97 -24.30 8.97
N GLU B 19 40.16 -24.24 7.92
CA GLU B 19 38.97 -23.39 7.94
C GLU B 19 37.85 -24.00 8.79
N VAL B 20 37.64 -25.30 8.66
CA VAL B 20 36.61 -25.98 9.44
C VAL B 20 36.94 -25.89 10.92
N THR B 21 38.23 -25.95 11.25
CA THR B 21 38.68 -25.91 12.62
C THR B 21 38.33 -24.58 13.29
N THR B 22 38.52 -23.48 12.57
CA THR B 22 38.20 -22.16 13.11
C THR B 22 36.71 -21.86 12.99
N LEU B 23 36.04 -22.51 12.05
CA LEU B 23 34.60 -22.35 11.88
C LEU B 23 33.84 -22.97 13.05
N THR B 24 34.47 -23.93 13.74
CA THR B 24 33.88 -24.51 14.93
C THR B 24 34.22 -23.67 16.16
N ALA B 25 35.32 -22.93 16.08
CA ALA B 25 35.74 -22.06 17.18
C ALA B 25 35.02 -20.71 17.12
N ASP B 26 34.86 -20.18 15.92
CA ASP B 26 34.22 -18.88 15.73
C ASP B 26 33.39 -18.85 14.45
N PRO B 27 32.22 -19.49 14.47
CA PRO B 27 31.31 -19.44 13.32
C PRO B 27 30.60 -18.10 13.21
N PRO B 28 29.98 -17.82 12.05
CA PRO B 28 29.16 -16.61 11.93
C PRO B 28 27.98 -16.64 12.91
N ASP B 29 27.38 -15.49 13.17
CA ASP B 29 26.25 -15.42 14.10
C ASP B 29 25.10 -16.32 13.66
N GLY B 30 24.54 -17.05 14.61
CA GLY B 30 23.40 -17.92 14.34
C GLY B 30 23.74 -19.12 13.48
N ILE B 31 25.01 -19.53 13.49
CA ILE B 31 25.44 -20.69 12.71
C ILE B 31 26.38 -21.57 13.53
N LYS B 32 26.21 -22.89 13.37
CA LYS B 32 27.03 -23.87 14.05
C LYS B 32 27.46 -24.96 13.07
N VAL B 33 28.73 -25.35 13.14
CA VAL B 33 29.29 -26.35 12.23
C VAL B 33 29.58 -27.65 12.97
N PHE B 34 28.96 -28.73 12.49
CA PHE B 34 29.14 -30.06 13.08
C PHE B 34 29.85 -30.97 12.10
N PRO B 35 31.18 -30.89 12.04
CA PRO B 35 31.92 -31.71 11.08
C PRO B 35 31.91 -33.19 11.45
N ASN B 36 32.06 -34.05 10.45
CA ASN B 36 32.17 -35.48 10.68
C ASN B 36 33.54 -35.80 11.28
N GLU B 37 33.55 -36.36 12.48
CA GLU B 37 34.79 -36.62 13.21
C GLU B 37 35.72 -37.56 12.45
N GLU B 38 35.17 -38.28 11.48
CA GLU B 38 35.97 -39.19 10.66
C GLU B 38 36.46 -38.50 9.39
N ASP B 39 35.95 -37.30 9.13
CA ASP B 39 36.28 -36.55 7.92
C ASP B 39 35.74 -35.13 8.00
N LEU B 40 36.60 -34.18 8.37
CA LEU B 40 36.16 -32.80 8.60
C LEU B 40 35.70 -32.12 7.32
N THR B 41 35.92 -32.75 6.18
CA THR B 41 35.46 -32.20 4.91
C THR B 41 33.94 -32.32 4.79
N ASP B 42 33.41 -33.47 5.21
CA ASP B 42 31.97 -33.68 5.23
C ASP B 42 31.36 -32.93 6.40
N LEU B 43 30.60 -31.88 6.10
CA LEU B 43 30.09 -30.96 7.13
C LEU B 43 28.58 -31.01 7.28
N GLN B 44 28.13 -31.00 8.53
CA GLN B 44 26.74 -30.77 8.87
C GLN B 44 26.64 -29.42 9.56
N VAL B 45 25.64 -28.63 9.17
CA VAL B 45 25.50 -27.26 9.66
C VAL B 45 24.07 -26.97 10.09
N THR B 46 23.92 -26.11 11.09
CA THR B 46 22.61 -25.60 11.49
C THR B 46 22.61 -24.08 11.41
N ILE B 47 21.52 -23.51 10.93
CA ILE B 47 21.39 -22.07 10.76
C ILE B 47 20.09 -21.57 11.36
N GLU B 48 20.20 -20.70 12.35
CA GLU B 48 19.02 -20.09 12.97
C GLU B 48 18.29 -19.22 11.95
N GLY B 49 16.97 -19.34 11.92
CA GLY B 49 16.16 -18.53 11.04
C GLY B 49 16.25 -17.06 11.45
N PRO B 50 16.61 -16.17 10.50
CA PRO B 50 16.74 -14.77 10.87
C PRO B 50 15.44 -14.14 11.34
N GLU B 51 15.51 -13.27 12.34
CA GLU B 51 14.35 -12.51 12.77
C GLU B 51 13.85 -11.63 11.63
N GLY B 52 12.56 -11.32 11.64
CA GLY B 52 11.96 -10.50 10.60
C GLY B 52 11.70 -11.28 9.32
N THR B 53 11.93 -12.59 9.37
CA THR B 53 11.67 -13.46 8.23
C THR B 53 10.66 -14.52 8.63
N PRO B 54 10.00 -15.16 7.64
CA PRO B 54 9.06 -16.23 7.95
C PRO B 54 9.72 -17.39 8.70
N TYR B 55 11.02 -17.54 8.51
CA TYR B 55 11.76 -18.65 9.09
C TYR B 55 12.22 -18.35 10.52
N ALA B 56 11.86 -17.18 11.02
CA ALA B 56 12.24 -16.76 12.36
C ALA B 56 11.87 -17.80 13.42
N GLY B 57 12.79 -18.05 14.34
CA GLY B 57 12.57 -19.00 15.42
C GLY B 57 12.99 -20.41 15.03
N GLY B 58 13.07 -20.67 13.73
CA GLY B 58 13.42 -21.99 13.25
C GLY B 58 14.91 -22.29 13.33
N LEU B 59 15.23 -23.56 13.57
CA LEU B 59 16.60 -24.05 13.54
C LEU B 59 16.72 -25.07 12.41
N PHE B 60 17.30 -24.64 11.29
CA PHE B 60 17.36 -25.45 10.09
C PHE B 60 18.70 -26.16 9.94
N ARG B 61 18.66 -27.49 10.02
CA ARG B 61 19.86 -28.30 9.83
C ARG B 61 20.09 -28.54 8.35
N MET B 62 21.35 -28.71 7.96
CA MET B 62 21.70 -28.92 6.56
C MET B 62 23.06 -29.61 6.43
N LYS B 63 23.37 -30.04 5.21
CA LYS B 63 24.62 -30.73 4.93
C LYS B 63 25.37 -30.05 3.79
N LEU B 64 26.70 -30.11 3.85
CA LEU B 64 27.56 -29.58 2.79
C LEU B 64 28.43 -30.70 2.23
N LEU B 65 28.57 -30.73 0.91
CA LEU B 65 29.37 -31.74 0.24
C LEU B 65 30.45 -31.10 -0.62
N LEU B 66 31.71 -31.39 -0.29
CA LEU B 66 32.83 -30.94 -1.12
C LEU B 66 32.96 -31.87 -2.32
N GLY B 67 32.27 -31.54 -3.40
CA GLY B 67 32.27 -32.36 -4.60
C GLY B 67 33.63 -32.41 -5.26
N LYS B 68 33.71 -33.16 -6.36
CA LYS B 68 34.97 -33.30 -7.10
C LYS B 68 35.39 -31.97 -7.72
N ASP B 69 34.41 -31.12 -7.99
CA ASP B 69 34.66 -29.83 -8.63
C ASP B 69 34.99 -28.74 -7.62
N PHE B 70 35.19 -29.12 -6.36
CA PHE B 70 35.58 -28.18 -5.32
C PHE B 70 37.11 -28.04 -5.29
N PRO B 71 37.63 -26.82 -5.06
CA PRO B 71 36.94 -25.54 -4.85
C PRO B 71 36.71 -24.74 -6.12
N ALA B 72 36.86 -25.39 -7.28
CA ALA B 72 36.53 -24.74 -8.54
C ALA B 72 35.03 -24.46 -8.56
N SER B 73 34.28 -25.30 -7.86
CA SER B 73 32.85 -25.13 -7.68
C SER B 73 32.55 -25.02 -6.18
N PRO B 74 31.47 -24.32 -5.83
CA PRO B 74 31.13 -24.24 -4.40
C PRO B 74 30.64 -25.59 -3.88
N PRO B 75 30.70 -25.80 -2.55
CA PRO B 75 30.22 -27.05 -1.97
C PRO B 75 28.71 -27.21 -2.16
N LYS B 76 28.28 -28.41 -2.55
CA LYS B 76 26.86 -28.69 -2.74
C LYS B 76 26.12 -28.61 -1.42
N GLY B 77 25.12 -27.74 -1.36
CA GLY B 77 24.34 -27.55 -0.15
C GLY B 77 23.04 -28.31 -0.18
N TYR B 78 22.68 -28.91 0.95
CA TYR B 78 21.46 -29.68 1.07
C TYR B 78 20.77 -29.44 2.41
N PHE B 79 19.53 -28.93 2.35
CA PHE B 79 18.72 -28.80 3.55
C PHE B 79 18.21 -30.17 3.98
N LEU B 80 18.34 -30.46 5.28
CA LEU B 80 17.78 -31.67 5.86
C LEU B 80 16.41 -31.34 6.44
N THR B 81 16.36 -30.21 7.14
CA THR B 81 15.10 -29.71 7.67
C THR B 81 14.23 -29.22 6.53
N LYS B 82 13.00 -29.70 6.47
CA LYS B 82 12.05 -29.27 5.45
C LYS B 82 11.82 -27.77 5.56
N ILE B 83 11.75 -27.11 4.41
CA ILE B 83 11.65 -25.66 4.36
C ILE B 83 10.87 -25.24 3.11
N PHE B 84 10.17 -24.12 3.20
CA PHE B 84 9.46 -23.57 2.05
C PHE B 84 10.23 -22.35 1.54
N HIS B 85 11.10 -22.58 0.57
CA HIS B 85 11.99 -21.55 0.05
C HIS B 85 12.10 -21.69 -1.47
N PRO B 86 12.15 -20.55 -2.20
CA PRO B 86 12.25 -20.63 -3.66
C PRO B 86 13.46 -21.40 -4.17
N ASN B 87 14.60 -21.20 -3.53
CA ASN B 87 15.87 -21.78 -3.99
C ASN B 87 16.20 -23.12 -3.34
N VAL B 88 15.19 -23.81 -2.82
CA VAL B 88 15.39 -25.11 -2.19
C VAL B 88 14.42 -26.14 -2.77
N GLY B 89 14.98 -27.17 -3.39
CA GLY B 89 14.18 -28.21 -4.02
C GLY B 89 13.49 -29.12 -3.02
N ALA B 90 12.81 -30.14 -3.52
CA ALA B 90 12.08 -31.08 -2.67
C ALA B 90 13.04 -31.88 -1.81
N ASN B 91 14.15 -32.31 -2.40
CA ASN B 91 15.16 -33.08 -1.68
C ASN B 91 16.05 -32.20 -0.81
N GLY B 92 15.75 -30.91 -0.75
CA GLY B 92 16.48 -29.97 0.07
C GLY B 92 17.69 -29.37 -0.62
N GLU B 93 17.87 -29.71 -1.89
CA GLU B 93 19.01 -29.22 -2.65
C GLU B 93 18.93 -27.71 -2.86
N ILE B 94 19.99 -27.01 -2.48
CA ILE B 94 20.08 -25.57 -2.68
C ILE B 94 20.54 -25.29 -4.11
N CYS B 95 20.01 -24.23 -4.71
CA CYS B 95 20.34 -23.88 -6.09
C CYS B 95 21.83 -23.63 -6.25
N VAL B 96 22.47 -24.45 -7.08
CA VAL B 96 23.91 -24.38 -7.26
C VAL B 96 24.37 -23.02 -7.79
N ASN B 97 23.62 -22.48 -8.75
CA ASN B 97 24.01 -21.23 -9.40
C ASN B 97 23.85 -20.02 -8.48
N VAL B 98 22.91 -20.12 -7.54
CA VAL B 98 22.72 -19.07 -6.55
C VAL B 98 23.94 -19.02 -5.62
N LEU B 99 24.61 -20.16 -5.48
CA LEU B 99 25.81 -20.26 -4.66
C LEU B 99 27.06 -19.90 -5.46
N LYS B 100 27.09 -20.29 -6.73
CA LYS B 100 28.24 -19.99 -7.59
C LYS B 100 28.42 -18.49 -7.73
N ARG B 101 27.32 -17.76 -7.83
CA ARG B 101 27.37 -16.30 -7.93
C ARG B 101 27.97 -15.71 -6.66
N ASP B 102 28.93 -14.81 -6.83
CA ASP B 102 29.66 -14.21 -5.71
C ASP B 102 30.27 -15.27 -4.80
N TRP B 103 31.25 -16.01 -5.33
CA TRP B 103 31.98 -16.97 -4.53
C TRP B 103 33.27 -17.40 -5.22
N THR B 104 34.39 -17.26 -4.51
CA THR B 104 35.68 -17.75 -4.96
C THR B 104 36.24 -18.70 -3.92
N ALA B 105 37.25 -19.47 -4.30
CA ALA B 105 37.79 -20.52 -3.44
C ALA B 105 38.43 -19.96 -2.17
N GLU B 106 38.91 -18.72 -2.22
CA GLU B 106 39.63 -18.14 -1.09
C GLU B 106 38.69 -17.60 -0.01
N LEU B 107 37.45 -17.32 -0.38
CA LEU B 107 36.45 -16.89 0.61
C LEU B 107 35.96 -18.12 1.38
N GLY B 108 35.99 -19.28 0.72
CA GLY B 108 35.86 -20.55 1.40
C GLY B 108 34.45 -20.95 1.82
N ILE B 109 34.39 -21.94 2.71
CA ILE B 109 33.12 -22.50 3.17
C ILE B 109 32.35 -21.48 4.00
N ARG B 110 33.07 -20.62 4.72
CA ARG B 110 32.44 -19.59 5.54
C ARG B 110 31.55 -18.69 4.69
N HIS B 111 31.97 -18.45 3.45
CA HIS B 111 31.24 -17.57 2.56
C HIS B 111 29.93 -18.20 2.09
N VAL B 112 29.94 -19.52 1.95
CA VAL B 112 28.76 -20.25 1.51
C VAL B 112 27.69 -20.20 2.59
N LEU B 113 28.11 -20.35 3.85
CA LEU B 113 27.19 -20.32 4.98
C LEU B 113 26.46 -18.99 5.08
N LEU B 114 27.17 -17.90 4.80
CA LEU B 114 26.59 -16.57 4.88
C LEU B 114 25.67 -16.31 3.70
N THR B 115 26.05 -16.81 2.53
CA THR B 115 25.21 -16.71 1.35
C THR B 115 23.89 -17.43 1.61
N ILE B 116 23.98 -18.66 2.10
CA ILE B 116 22.79 -19.46 2.42
C ILE B 116 21.96 -18.77 3.48
N LYS B 117 22.63 -18.11 4.43
CA LYS B 117 21.94 -17.34 5.46
C LYS B 117 21.25 -16.13 4.83
N MET B 118 21.92 -15.50 3.88
CA MET B 118 21.38 -14.31 3.23
C MET B 118 20.21 -14.65 2.30
N LEU B 119 20.07 -15.93 1.95
CA LEU B 119 18.96 -16.36 1.10
C LEU B 119 17.66 -16.42 1.88
N LEU B 120 17.76 -16.66 3.18
CA LEU B 120 16.56 -16.72 4.02
C LEU B 120 15.95 -15.33 4.16
N ILE B 121 16.78 -14.30 4.04
CA ILE B 121 16.32 -12.92 4.12
C ILE B 121 16.01 -12.39 2.72
N HIS B 122 16.84 -12.77 1.74
CA HIS B 122 16.71 -12.28 0.38
C HIS B 122 16.84 -13.41 -0.63
N PRO B 123 15.74 -14.13 -0.89
CA PRO B 123 15.75 -15.19 -1.91
C PRO B 123 15.94 -14.64 -3.32
N ASN B 124 16.02 -15.52 -4.30
CA ASN B 124 16.13 -15.13 -5.70
C ASN B 124 15.15 -15.92 -6.57
N PRO B 125 13.95 -15.37 -6.80
CA PRO B 125 12.94 -16.12 -7.56
C PRO B 125 13.25 -16.24 -9.04
N GLU B 126 14.27 -15.52 -9.52
CA GLU B 126 14.69 -15.61 -10.90
C GLU B 126 15.08 -17.05 -11.25
N SER B 127 16.05 -17.57 -10.49
CA SER B 127 16.44 -18.98 -10.60
C SER B 127 15.84 -19.75 -9.44
N ALA B 128 14.69 -20.38 -9.68
CA ALA B 128 13.92 -21.04 -8.62
C ALA B 128 13.84 -22.55 -8.83
N LEU B 129 14.14 -23.29 -7.78
CA LEU B 129 13.98 -24.74 -7.78
C LEU B 129 12.57 -25.11 -7.31
N ASN B 130 12.04 -24.29 -6.41
CA ASN B 130 10.67 -24.43 -5.94
C ASN B 130 9.78 -23.37 -6.61
N GLU B 131 9.28 -23.70 -7.79
CA GLU B 131 8.53 -22.75 -8.62
C GLU B 131 7.38 -22.09 -7.89
N GLU B 132 6.64 -22.87 -7.09
CA GLU B 132 5.50 -22.36 -6.36
C GLU B 132 5.91 -21.25 -5.39
N ALA B 133 6.99 -21.47 -4.66
CA ALA B 133 7.49 -20.50 -3.71
C ALA B 133 8.01 -19.25 -4.42
N GLY B 134 8.61 -19.45 -5.59
CA GLY B 134 9.13 -18.34 -6.36
C GLY B 134 8.02 -17.46 -6.89
N ARG B 135 6.99 -18.10 -7.46
CA ARG B 135 5.83 -17.39 -7.97
C ARG B 135 5.13 -16.60 -6.87
N LEU B 136 4.93 -17.26 -5.73
CA LEU B 136 4.25 -16.64 -4.59
C LEU B 136 5.05 -15.46 -4.04
N LEU B 137 6.37 -15.61 -3.99
CA LEU B 137 7.24 -14.56 -3.47
C LEU B 137 7.06 -13.25 -4.25
N LEU B 138 6.76 -13.38 -5.54
CA LEU B 138 6.59 -12.21 -6.41
C LEU B 138 5.14 -11.75 -6.49
N GLU B 139 4.22 -12.72 -6.54
CA GLU B 139 2.82 -12.42 -6.83
C GLU B 139 1.95 -12.29 -5.59
N ASN B 140 2.38 -12.89 -4.49
CA ASN B 140 1.60 -12.89 -3.25
C ASN B 140 2.47 -13.25 -2.05
N TYR B 141 3.24 -12.28 -1.58
CA TYR B 141 4.22 -12.53 -0.52
C TYR B 141 3.58 -13.03 0.78
N GLU B 142 2.39 -12.53 1.09
CA GLU B 142 1.74 -12.87 2.35
C GLU B 142 1.40 -14.35 2.44
N GLU B 143 1.16 -14.97 1.29
CA GLU B 143 0.90 -16.40 1.24
C GLU B 143 2.21 -17.17 1.33
N TYR B 144 3.25 -16.66 0.66
CA TYR B 144 4.58 -17.25 0.76
C TYR B 144 5.06 -17.25 2.20
N ALA B 145 4.96 -16.09 2.85
CA ALA B 145 5.37 -15.96 4.25
C ALA B 145 4.61 -16.93 5.13
N ALA B 146 3.29 -16.97 4.97
CA ALA B 146 2.43 -17.84 5.76
C ALA B 146 2.85 -19.30 5.63
N ARG B 147 3.12 -19.73 4.40
CA ARG B 147 3.58 -21.09 4.14
C ARG B 147 4.88 -21.39 4.87
N ALA B 148 5.91 -20.58 4.61
CA ALA B 148 7.22 -20.77 5.21
C ALA B 148 7.13 -20.69 6.74
N ARG B 149 6.29 -19.79 7.24
CA ARG B 149 6.14 -19.61 8.67
C ARG B 149 5.48 -20.83 9.31
N LEU B 150 4.63 -21.51 8.56
CA LEU B 150 3.97 -22.72 9.06
C LEU B 150 4.94 -23.89 9.11
N LEU B 151 5.64 -24.13 8.01
CA LEU B 151 6.62 -25.22 7.96
C LEU B 151 7.73 -24.99 8.98
N THR B 152 8.06 -23.72 9.21
CA THR B 152 9.08 -23.37 10.19
C THR B 152 8.59 -23.69 11.59
N GLU B 153 7.28 -23.57 11.79
CA GLU B 153 6.67 -23.88 13.08
C GLU B 153 6.67 -25.39 13.34
N ILE B 154 6.55 -26.17 12.28
CA ILE B 154 6.46 -27.62 12.40
C ILE B 154 7.83 -28.29 12.41
N HIS B 155 8.77 -27.74 11.65
CA HIS B 155 10.08 -28.37 11.46
C HIS B 155 11.25 -27.56 12.02
N GLY B 156 11.02 -26.27 12.29
CA GLY B 156 12.06 -25.41 12.80
C GLY B 156 12.42 -25.73 14.23
N PRO C 9 -50.58 15.06 10.51
CA PRO C 9 -52.04 15.05 10.63
C PRO C 9 -52.52 15.26 12.06
N PRO C 10 -53.78 15.66 12.25
CA PRO C 10 -54.31 16.02 13.58
C PRO C 10 -54.33 14.86 14.57
N HIS C 11 -54.76 13.68 14.12
CA HIS C 11 -54.85 12.53 15.01
C HIS C 11 -53.46 12.11 15.50
N ILE C 12 -52.47 12.24 14.63
CA ILE C 12 -51.10 11.89 14.97
C ILE C 12 -50.48 12.95 15.88
N ILE C 13 -50.72 14.21 15.56
CA ILE C 13 -50.22 15.32 16.36
C ILE C 13 -50.76 15.26 17.78
N ARG C 14 -52.01 14.82 17.91
CA ARG C 14 -52.65 14.72 19.21
C ARG C 14 -51.99 13.63 20.07
N LEU C 15 -51.59 12.54 19.43
CA LEU C 15 -50.95 11.43 20.13
C LEU C 15 -49.57 11.83 20.66
N VAL C 16 -48.79 12.52 19.85
CA VAL C 16 -47.45 12.91 20.23
C VAL C 16 -47.45 14.03 21.27
N TYR C 17 -48.45 14.92 21.18
CA TYR C 17 -48.60 16.00 22.16
C TYR C 17 -48.73 15.42 23.56
N LYS C 18 -49.41 14.27 23.66
CA LYS C 18 -49.59 13.59 24.94
C LYS C 18 -48.37 12.74 25.29
N GLU C 19 -47.72 12.21 24.26
CA GLU C 19 -46.54 11.36 24.46
C GLU C 19 -45.35 12.16 24.95
N VAL C 20 -45.24 13.41 24.51
CA VAL C 20 -44.12 14.27 24.90
C VAL C 20 -44.29 14.78 26.34
N THR C 21 -45.47 15.30 26.65
CA THR C 21 -45.73 15.86 27.97
C THR C 21 -45.59 14.80 29.07
N THR C 22 -45.93 13.56 28.75
CA THR C 22 -45.75 12.46 29.69
C THR C 22 -44.27 12.13 29.81
N LEU C 23 -43.56 12.20 28.68
CA LEU C 23 -42.15 11.89 28.64
C LEU C 23 -41.31 13.00 29.29
N THR C 24 -41.83 14.22 29.28
CA THR C 24 -41.12 15.36 29.85
C THR C 24 -41.23 15.37 31.37
N ALA C 25 -42.37 14.95 31.88
CA ALA C 25 -42.63 14.95 33.32
C ALA C 25 -41.69 14.01 34.05
N ASP C 26 -41.63 12.75 33.59
CA ASP C 26 -40.76 11.75 34.20
C ASP C 26 -40.06 10.92 33.14
N PRO C 27 -38.86 11.37 32.71
CA PRO C 27 -38.11 10.67 31.67
C PRO C 27 -37.28 9.51 32.23
N PRO C 28 -36.66 8.71 31.34
CA PRO C 28 -35.73 7.67 31.79
C PRO C 28 -34.56 8.25 32.57
N ASP C 29 -33.91 7.42 33.39
CA ASP C 29 -32.81 7.89 34.22
C ASP C 29 -31.63 8.34 33.35
N GLY C 30 -31.11 9.53 33.64
CA GLY C 30 -29.97 10.07 32.93
C GLY C 30 -30.36 10.70 31.60
N ILE C 31 -31.63 11.09 31.48
CA ILE C 31 -32.13 11.70 30.26
C ILE C 31 -33.09 12.85 30.57
N LYS C 32 -32.68 14.06 30.22
CA LYS C 32 -33.52 15.24 30.37
C LYS C 32 -34.11 15.62 29.02
N VAL C 33 -35.41 15.96 29.01
CA VAL C 33 -36.10 16.31 27.78
C VAL C 33 -36.62 17.74 27.83
N PHE C 34 -36.50 18.44 26.71
CA PHE C 34 -36.92 19.83 26.61
C PHE C 34 -37.69 20.07 25.31
N PRO C 35 -39.03 20.00 25.35
CA PRO C 35 -39.81 20.20 24.13
C PRO C 35 -39.85 21.64 23.67
N ASN C 36 -40.07 21.86 22.38
CA ASN C 36 -40.14 23.20 21.83
C ASN C 36 -41.48 23.85 22.11
N GLU C 37 -41.45 24.98 22.82
CA GLU C 37 -42.67 25.68 23.23
C GLU C 37 -43.47 26.17 22.03
N GLU C 38 -42.80 26.40 20.91
CA GLU C 38 -43.45 26.91 19.71
C GLU C 38 -44.34 25.84 19.07
N ASP C 39 -43.74 24.72 18.66
CA ASP C 39 -44.48 23.65 18.04
C ASP C 39 -43.69 22.34 18.11
N LEU C 40 -44.36 21.26 18.44
CA LEU C 40 -43.70 19.95 18.57
C LEU C 40 -43.31 19.40 17.21
N THR C 41 -42.31 20.03 16.60
CA THR C 41 -41.66 19.50 15.41
C THR C 41 -40.17 19.29 15.74
N ASP C 42 -39.81 19.58 16.98
CA ASP C 42 -38.44 19.47 17.45
C ASP C 42 -38.42 19.21 18.95
N LEU C 43 -37.59 18.26 19.36
CA LEU C 43 -37.43 17.91 20.78
C LEU C 43 -35.95 17.91 21.15
N GLN C 44 -35.55 18.88 21.96
CA GLN C 44 -34.19 18.93 22.49
C GLN C 44 -34.08 17.97 23.67
N VAL C 45 -33.05 17.14 23.66
CA VAL C 45 -32.85 16.14 24.71
C VAL C 45 -31.41 16.14 25.20
N THR C 46 -31.24 15.96 26.51
CA THR C 46 -29.93 15.86 27.14
C THR C 46 -29.76 14.49 27.78
N ILE C 47 -28.79 13.72 27.29
CA ILE C 47 -28.53 12.38 27.79
C ILE C 47 -27.21 12.33 28.55
N GLU C 48 -27.26 11.84 29.79
CA GLU C 48 -26.06 11.69 30.60
C GLU C 48 -25.27 10.46 30.17
N GLY C 49 -23.98 10.62 29.97
CA GLY C 49 -23.12 9.52 29.60
C GLY C 49 -23.07 8.48 30.72
N PRO C 50 -23.56 7.25 30.45
CA PRO C 50 -23.58 6.24 31.51
C PRO C 50 -22.21 5.92 32.09
N GLU C 51 -22.17 5.53 33.36
CA GLU C 51 -20.92 5.15 34.02
C GLU C 51 -20.42 3.82 33.46
N GLY C 52 -19.10 3.64 33.47
CA GLY C 52 -18.49 2.43 32.96
C GLY C 52 -18.05 2.57 31.52
N THR C 53 -18.75 3.42 30.78
CA THR C 53 -18.42 3.67 29.37
C THR C 53 -17.39 4.79 29.27
N PRO C 54 -16.73 4.92 28.10
CA PRO C 54 -15.78 6.01 27.89
C PRO C 54 -16.44 7.38 27.96
N TYR C 55 -17.75 7.43 27.74
CA TYR C 55 -18.48 8.69 27.74
C TYR C 55 -18.94 9.09 29.14
N ALA C 56 -18.48 8.35 30.14
CA ALA C 56 -18.90 8.58 31.53
C ALA C 56 -18.47 9.96 32.02
N GLY C 57 -19.33 10.59 32.81
CA GLY C 57 -19.04 11.89 33.39
C GLY C 57 -19.41 13.04 32.48
N GLY C 58 -19.63 12.74 31.20
CA GLY C 58 -19.95 13.76 30.21
C GLY C 58 -21.44 13.92 30.01
N LEU C 59 -21.83 15.07 29.46
CA LEU C 59 -23.23 15.37 29.16
C LEU C 59 -23.39 15.61 27.66
N PHE C 60 -24.43 15.00 27.08
CA PHE C 60 -24.65 15.07 25.64
C PHE C 60 -26.04 15.55 25.29
N ARG C 61 -26.11 16.67 24.58
CA ARG C 61 -27.38 17.23 24.10
C ARG C 61 -27.63 16.78 22.67
N MET C 62 -28.90 16.66 22.29
CA MET C 62 -29.26 16.23 20.95
C MET C 62 -30.65 16.71 20.55
N LYS C 63 -31.02 16.46 19.29
CA LYS C 63 -32.32 16.84 18.77
C LYS C 63 -33.04 15.67 18.11
N LEU C 64 -34.27 15.42 18.52
CA LEU C 64 -35.12 14.42 17.88
C LEU C 64 -36.17 15.10 17.01
N LEU C 65 -35.98 15.04 15.69
CA LEU C 65 -36.93 15.63 14.76
C LEU C 65 -38.11 14.70 14.49
N LEU C 66 -39.30 15.23 14.71
CA LEU C 66 -40.53 14.50 14.39
C LEU C 66 -40.78 14.60 12.89
N GLY C 67 -40.12 13.72 12.14
CA GLY C 67 -40.06 13.82 10.69
C GLY C 67 -41.36 13.60 9.95
N LYS C 68 -41.26 13.49 8.64
CA LYS C 68 -42.43 13.38 7.77
C LYS C 68 -43.07 11.99 7.82
N ASP C 69 -42.29 11.00 8.28
CA ASP C 69 -42.75 9.62 8.31
C ASP C 69 -43.05 9.16 9.73
N PHE C 70 -43.27 10.10 10.64
CA PHE C 70 -43.63 9.76 12.02
C PHE C 70 -45.13 9.49 12.09
N PRO C 71 -45.55 8.45 12.83
CA PRO C 71 -44.76 7.49 13.61
C PRO C 71 -44.36 6.24 12.83
N ALA C 72 -44.61 6.22 11.51
CA ALA C 72 -44.26 5.08 10.69
C ALA C 72 -42.76 4.78 10.79
N SER C 73 -41.96 5.81 10.57
CA SER C 73 -40.52 5.74 10.80
C SER C 73 -40.19 6.51 12.09
N PRO C 74 -39.09 6.13 12.76
CA PRO C 74 -38.73 6.79 14.02
C PRO C 74 -38.18 8.19 13.81
N PRO C 75 -38.10 8.99 14.89
CA PRO C 75 -37.56 10.35 14.80
C PRO C 75 -36.07 10.38 14.52
N LYS C 76 -35.65 11.28 13.64
CA LYS C 76 -34.24 11.42 13.31
C LYS C 76 -33.47 12.01 14.48
N GLY C 77 -32.39 11.33 14.87
CA GLY C 77 -31.57 11.77 15.99
C GLY C 77 -30.35 12.55 15.54
N TYR C 78 -30.01 13.60 16.27
CA TYR C 78 -28.86 14.43 15.95
C TYR C 78 -28.16 14.93 17.20
N PHE C 79 -26.93 14.44 17.44
CA PHE C 79 -26.13 14.92 18.55
C PHE C 79 -25.61 16.33 18.26
N LEU C 80 -26.03 17.30 19.07
CA LEU C 80 -25.51 18.65 18.96
C LEU C 80 -24.10 18.68 19.58
N THR C 81 -23.93 17.91 20.64
CA THR C 81 -22.63 17.77 21.29
C THR C 81 -21.69 16.94 20.42
N LYS C 82 -20.41 17.31 20.42
CA LYS C 82 -19.41 16.57 19.66
C LYS C 82 -19.07 15.27 20.41
N ILE C 83 -19.06 14.16 19.67
CA ILE C 83 -18.84 12.85 20.28
C ILE C 83 -18.12 11.91 19.31
N PHE C 84 -17.25 11.08 19.87
CA PHE C 84 -16.51 10.10 19.08
C PHE C 84 -17.19 8.73 19.18
N HIS C 85 -18.21 8.55 18.35
CA HIS C 85 -19.05 7.34 18.38
C HIS C 85 -19.19 6.76 16.98
N PRO C 86 -19.08 5.41 16.85
CA PRO C 86 -19.16 4.79 15.51
C PRO C 86 -20.46 5.07 14.76
N ASN C 87 -21.57 5.15 15.47
CA ASN C 87 -22.88 5.32 14.84
C ASN C 87 -23.34 6.78 14.79
N VAL C 88 -22.39 7.71 14.90
CA VAL C 88 -22.70 9.14 14.88
C VAL C 88 -21.83 9.87 13.85
N GLY C 89 -22.48 10.42 12.84
CA GLY C 89 -21.78 11.11 11.77
C GLY C 89 -21.26 12.48 12.20
N ALA C 90 -20.49 13.11 11.32
CA ALA C 90 -19.88 14.41 11.61
C ALA C 90 -20.94 15.50 11.77
N ASN C 91 -22.10 15.29 11.18
CA ASN C 91 -23.22 16.22 11.34
C ASN C 91 -23.99 15.93 12.63
N GLY C 92 -23.56 14.90 13.35
CA GLY C 92 -24.20 14.52 14.59
C GLY C 92 -25.31 13.50 14.40
N GLU C 93 -25.59 13.17 13.14
CA GLU C 93 -26.68 12.25 12.81
C GLU C 93 -26.46 10.87 13.41
N ILE C 94 -27.44 10.42 14.20
CA ILE C 94 -27.46 9.05 14.69
C ILE C 94 -28.00 8.17 13.57
N CYS C 95 -27.43 6.98 13.40
CA CYS C 95 -27.80 6.09 12.30
C CYS C 95 -29.30 5.78 12.31
N VAL C 96 -29.95 6.06 11.18
CA VAL C 96 -31.39 5.91 11.07
C VAL C 96 -31.84 4.45 11.04
N ASN C 97 -31.23 3.66 10.17
CA ASN C 97 -31.61 2.25 10.03
C ASN C 97 -31.38 1.44 11.31
N VAL C 98 -30.51 1.96 12.19
CA VAL C 98 -30.25 1.29 13.46
C VAL C 98 -31.43 1.46 14.41
N LEU C 99 -31.80 2.71 14.69
CA LEU C 99 -32.93 3.01 15.56
C LEU C 99 -34.25 2.53 14.96
N LYS C 100 -34.25 2.28 13.64
CA LYS C 100 -35.44 1.81 12.95
C LYS C 100 -35.51 0.28 12.97
N ARG C 101 -34.46 -0.37 13.46
CA ARG C 101 -34.42 -1.83 13.53
C ARG C 101 -35.50 -2.36 14.46
N ASP C 102 -35.58 -1.77 15.65
CA ASP C 102 -36.63 -2.11 16.61
C ASP C 102 -37.57 -0.91 16.77
N TRP C 103 -38.69 -0.95 16.05
CA TRP C 103 -39.61 0.18 16.04
C TRP C 103 -41.04 -0.21 15.69
N THR C 104 -41.98 0.34 16.45
CA THR C 104 -43.40 0.24 16.13
C THR C 104 -44.05 1.60 16.42
N ALA C 105 -45.12 1.91 15.72
CA ALA C 105 -45.80 3.20 15.87
C ALA C 105 -46.25 3.42 17.30
N GLU C 106 -46.61 2.35 17.98
CA GLU C 106 -47.06 2.43 19.38
C GLU C 106 -45.88 2.67 20.31
N LEU C 107 -44.79 1.93 20.09
CA LEU C 107 -43.57 2.09 20.86
C LEU C 107 -42.93 3.43 20.51
N GLY C 108 -43.20 4.44 21.33
CA GLY C 108 -42.92 5.82 20.96
C GLY C 108 -41.53 6.34 21.24
N ILE C 109 -41.47 7.61 21.64
CA ILE C 109 -40.21 8.34 21.76
C ILE C 109 -39.31 7.83 22.88
N ARG C 110 -39.92 7.33 23.96
CA ARG C 110 -39.16 6.83 25.10
C ARG C 110 -38.21 5.72 24.67
N HIS C 111 -38.68 4.89 23.73
CA HIS C 111 -37.88 3.78 23.22
C HIS C 111 -36.66 4.28 22.46
N VAL C 112 -36.85 5.37 21.71
CA VAL C 112 -35.77 5.93 20.92
C VAL C 112 -34.65 6.44 21.81
N LEU C 113 -35.02 7.12 22.89
CA LEU C 113 -34.04 7.64 23.84
C LEU C 113 -33.29 6.52 24.53
N LEU C 114 -33.99 5.44 24.83
CA LEU C 114 -33.38 4.28 25.46
C LEU C 114 -32.41 3.58 24.51
N THR C 115 -32.81 3.48 23.24
CA THR C 115 -31.98 2.86 22.23
C THR C 115 -30.65 3.60 22.12
N ILE C 116 -30.72 4.93 22.12
CA ILE C 116 -29.55 5.78 22.02
C ILE C 116 -28.67 5.63 23.27
N LYS C 117 -29.29 5.69 24.44
CA LYS C 117 -28.57 5.51 25.70
C LYS C 117 -27.88 4.15 25.72
N MET C 118 -28.55 3.15 25.17
CA MET C 118 -27.98 1.81 25.07
C MET C 118 -26.90 1.79 23.98
N LEU C 119 -27.09 2.61 22.95
CA LEU C 119 -26.14 2.68 21.85
C LEU C 119 -24.80 3.26 22.31
N LEU C 120 -24.84 4.01 23.42
CA LEU C 120 -23.62 4.55 24.02
C LEU C 120 -22.84 3.44 24.71
N ILE C 121 -23.57 2.50 25.29
CA ILE C 121 -22.97 1.38 26.00
C ILE C 121 -22.52 0.30 25.02
N HIS C 122 -23.40 -0.02 24.07
CA HIS C 122 -23.14 -1.09 23.10
C HIS C 122 -23.28 -0.56 21.67
N PRO C 123 -22.21 0.04 21.14
CA PRO C 123 -22.24 0.55 19.78
C PRO C 123 -22.34 -0.56 18.73
N ASN C 124 -22.82 -0.20 17.55
CA ASN C 124 -22.88 -1.12 16.42
C ASN C 124 -21.81 -0.76 15.40
N PRO C 125 -20.62 -1.38 15.50
CA PRO C 125 -19.53 -1.03 14.57
C PRO C 125 -19.88 -1.34 13.12
N GLU C 126 -20.83 -2.24 12.91
CA GLU C 126 -21.38 -2.48 11.58
C GLU C 126 -22.30 -1.32 11.22
N SER C 127 -22.26 -0.89 9.96
CA SER C 127 -23.03 0.28 9.51
C SER C 127 -22.65 1.50 10.34
N ALA C 128 -21.35 1.80 10.38
CA ALA C 128 -20.84 2.92 11.16
C ALA C 128 -20.76 4.19 10.31
N LEU C 129 -21.21 5.29 10.89
CA LEU C 129 -21.09 6.60 10.25
C LEU C 129 -19.70 7.17 10.49
N ASN C 130 -19.06 6.70 11.57
CA ASN C 130 -17.69 7.06 11.89
C ASN C 130 -16.79 5.84 11.80
N GLU C 131 -16.25 5.60 10.61
CA GLU C 131 -15.46 4.40 10.34
C GLU C 131 -14.21 4.32 11.21
N GLU C 132 -13.71 5.48 11.63
CA GLU C 132 -12.53 5.53 12.50
C GLU C 132 -12.87 4.92 13.86
N ALA C 133 -13.88 5.46 14.52
CA ALA C 133 -14.31 4.97 15.82
C ALA C 133 -14.77 3.52 15.74
N GLY C 134 -15.41 3.18 14.63
CA GLY C 134 -15.91 1.83 14.43
C GLY C 134 -14.79 0.83 14.25
N ARG C 135 -13.81 1.18 13.42
CA ARG C 135 -12.68 0.30 13.15
C ARG C 135 -11.81 0.15 14.39
N LEU C 136 -11.66 1.23 15.15
CA LEU C 136 -10.86 1.20 16.37
C LEU C 136 -11.53 0.31 17.41
N LEU C 137 -12.83 0.48 17.59
CA LEU C 137 -13.59 -0.26 18.61
C LEU C 137 -13.33 -1.77 18.51
N LEU C 138 -13.29 -2.29 17.29
CA LEU C 138 -13.04 -3.71 17.07
C LEU C 138 -11.56 -4.05 17.24
N GLU C 139 -10.69 -3.24 16.66
CA GLU C 139 -9.27 -3.56 16.55
C GLU C 139 -8.42 -2.96 17.67
N ASN C 140 -9.01 -2.08 18.47
CA ASN C 140 -8.30 -1.45 19.58
C ASN C 140 -9.25 -0.67 20.47
N TYR C 141 -9.82 -1.31 21.47
CA TYR C 141 -10.83 -0.66 22.30
C TYR C 141 -10.26 0.46 23.16
N GLU C 142 -9.06 0.25 23.69
CA GLU C 142 -8.46 1.21 24.60
C GLU C 142 -8.18 2.54 23.90
N GLU C 143 -7.80 2.45 22.63
CA GLU C 143 -7.59 3.64 21.82
C GLU C 143 -8.91 4.37 21.58
N TYR C 144 -9.94 3.58 21.27
CA TYR C 144 -11.28 4.12 21.08
C TYR C 144 -11.77 4.81 22.35
N ALA C 145 -11.59 4.14 23.48
CA ALA C 145 -12.04 4.65 24.77
C ALA C 145 -11.30 5.93 25.14
N ALA C 146 -9.99 5.93 24.95
CA ALA C 146 -9.17 7.10 25.24
C ALA C 146 -9.62 8.28 24.41
N ARG C 147 -9.92 8.03 23.14
CA ARG C 147 -10.44 9.06 22.25
C ARG C 147 -11.78 9.56 22.74
N ALA C 148 -12.71 8.64 22.98
CA ALA C 148 -14.04 8.98 23.44
C ALA C 148 -13.99 9.74 24.76
N ARG C 149 -13.10 9.32 25.65
CA ARG C 149 -12.92 9.99 26.94
C ARG C 149 -12.42 11.42 26.76
N LEU C 150 -11.50 11.60 25.82
CA LEU C 150 -10.89 12.91 25.59
C LEU C 150 -11.91 13.93 25.10
N LEU C 151 -12.62 13.60 24.03
CA LEU C 151 -13.64 14.48 23.49
C LEU C 151 -14.77 14.70 24.49
N THR C 152 -15.02 13.70 25.32
CA THR C 152 -16.05 13.80 26.34
C THR C 152 -15.68 14.84 27.40
N GLU C 153 -14.40 14.85 27.78
CA GLU C 153 -13.91 15.79 28.77
C GLU C 153 -13.96 17.23 28.23
N ILE C 154 -13.80 17.37 26.92
CA ILE C 154 -13.80 18.68 26.27
C ILE C 154 -15.21 19.17 25.99
N HIS C 155 -16.04 18.28 25.43
CA HIS C 155 -17.37 18.67 24.95
C HIS C 155 -18.51 18.25 25.87
N GLY C 156 -18.20 17.46 26.90
CA GLY C 156 -19.20 17.00 27.84
C GLY C 156 -19.67 18.11 28.76
N MET D 1 -5.49 -21.14 -4.94
CA MET D 1 -6.51 -22.23 -4.92
C MET D 1 -7.85 -21.70 -5.38
N GLN D 2 -8.71 -22.60 -5.87
CA GLN D 2 -10.05 -22.22 -6.30
C GLN D 2 -11.06 -22.33 -5.17
N ILE D 3 -11.94 -21.34 -5.10
CA ILE D 3 -13.12 -21.41 -4.24
C ILE D 3 -14.34 -21.05 -5.08
N PHE D 4 -15.52 -21.39 -4.57
CA PHE D 4 -16.76 -21.14 -5.29
C PHE D 4 -17.69 -20.26 -4.46
N VAL D 5 -18.23 -19.22 -5.11
CA VAL D 5 -19.17 -18.32 -4.45
C VAL D 5 -20.53 -18.41 -5.13
N LYS D 6 -21.53 -18.87 -4.39
CA LYS D 6 -22.88 -18.99 -4.91
C LYS D 6 -23.64 -17.68 -4.73
N THR D 7 -24.17 -17.16 -5.84
CA THR D 7 -24.94 -15.91 -5.78
C THR D 7 -26.41 -16.23 -5.48
N LEU D 8 -27.18 -15.17 -5.28
CA LEU D 8 -28.60 -15.32 -4.96
C LEU D 8 -29.39 -15.85 -6.15
N THR D 9 -28.86 -15.65 -7.35
CA THR D 9 -29.50 -16.14 -8.57
C THR D 9 -29.13 -17.59 -8.85
N GLY D 10 -28.34 -18.19 -7.96
CA GLY D 10 -27.92 -19.57 -8.13
C GLY D 10 -26.66 -19.70 -8.96
N LYS D 11 -26.12 -18.57 -9.40
CA LYS D 11 -24.90 -18.57 -10.21
C LYS D 11 -23.70 -18.94 -9.36
N THR D 12 -22.71 -19.57 -9.99
CA THR D 12 -21.47 -19.97 -9.30
C THR D 12 -20.28 -19.14 -9.79
N ILE D 13 -19.67 -18.43 -8.85
CA ILE D 13 -18.47 -17.63 -9.16
C ILE D 13 -17.23 -18.38 -8.70
N THR D 14 -16.32 -18.65 -9.64
CA THR D 14 -15.06 -19.31 -9.32
C THR D 14 -13.95 -18.28 -9.13
N LEU D 15 -13.38 -18.26 -7.93
CA LEU D 15 -12.30 -17.32 -7.61
C LEU D 15 -10.98 -18.04 -7.38
N GLU D 16 -9.91 -17.50 -7.95
CA GLU D 16 -8.56 -17.98 -7.66
C GLU D 16 -8.00 -17.20 -6.48
N VAL D 17 -7.77 -17.90 -5.37
CA VAL D 17 -7.40 -17.24 -4.12
C VAL D 17 -6.27 -17.97 -3.39
N GLU D 18 -5.86 -17.40 -2.26
CA GLU D 18 -4.90 -18.05 -1.37
C GLU D 18 -5.44 -17.95 0.06
N PRO D 19 -5.14 -18.95 0.91
CA PRO D 19 -5.65 -18.97 2.29
C PRO D 19 -5.38 -17.69 3.10
N SER D 20 -4.37 -16.92 2.68
CA SER D 20 -3.97 -15.73 3.42
C SER D 20 -4.74 -14.49 2.98
N ASP D 21 -5.38 -14.56 1.82
CA ASP D 21 -6.20 -13.44 1.34
C ASP D 21 -7.28 -13.08 2.34
N THR D 22 -7.50 -11.78 2.53
CA THR D 22 -8.53 -11.31 3.43
C THR D 22 -9.90 -11.36 2.76
N ILE D 23 -10.96 -11.26 3.57
CA ILE D 23 -12.31 -11.26 3.04
C ILE D 23 -12.54 -9.99 2.21
N GLU D 24 -11.88 -8.91 2.61
CA GLU D 24 -11.94 -7.66 1.85
C GLU D 24 -11.40 -7.88 0.44
N ASN D 25 -10.30 -8.63 0.34
CA ASN D 25 -9.67 -8.90 -0.94
C ASN D 25 -10.51 -9.82 -1.81
N VAL D 26 -11.18 -10.78 -1.18
CA VAL D 26 -12.07 -11.69 -1.90
C VAL D 26 -13.20 -10.92 -2.54
N LYS D 27 -13.83 -10.04 -1.77
CA LYS D 27 -14.91 -9.20 -2.26
C LYS D 27 -14.44 -8.31 -3.41
N ALA D 28 -13.17 -7.93 -3.37
CA ALA D 28 -12.59 -7.10 -4.42
C ALA D 28 -12.47 -7.89 -5.72
N LYS D 29 -12.09 -9.16 -5.62
CA LYS D 29 -12.01 -10.03 -6.78
C LYS D 29 -13.41 -10.21 -7.39
N ILE D 30 -14.41 -10.33 -6.52
CA ILE D 30 -15.78 -10.51 -6.96
C ILE D 30 -16.30 -9.28 -7.70
N GLN D 31 -15.90 -8.10 -7.23
CA GLN D 31 -16.31 -6.86 -7.89
C GLN D 31 -15.73 -6.79 -9.30
N ASP D 32 -14.48 -7.22 -9.44
CA ASP D 32 -13.79 -7.15 -10.72
C ASP D 32 -14.28 -8.21 -11.69
N LYS D 33 -14.90 -9.27 -11.16
CA LYS D 33 -15.33 -10.39 -11.97
C LYS D 33 -16.82 -10.34 -12.28
N GLU D 34 -17.63 -9.83 -11.33
CA GLU D 34 -19.07 -9.82 -11.48
C GLU D 34 -19.64 -8.39 -11.52
N GLY D 35 -18.95 -7.45 -10.89
CA GLY D 35 -19.39 -6.07 -10.87
C GLY D 35 -20.15 -5.69 -9.61
N ILE D 36 -20.19 -6.60 -8.64
CA ILE D 36 -20.93 -6.36 -7.40
C ILE D 36 -20.10 -5.49 -6.44
N PRO D 37 -20.67 -4.36 -5.98
CA PRO D 37 -19.94 -3.52 -5.02
C PRO D 37 -19.66 -4.27 -3.70
N PRO D 38 -18.42 -4.22 -3.20
CA PRO D 38 -18.06 -4.93 -1.98
C PRO D 38 -18.96 -4.61 -0.78
N ASP D 39 -19.42 -3.37 -0.68
CA ASP D 39 -20.21 -2.95 0.47
C ASP D 39 -21.60 -3.59 0.46
N GLN D 40 -21.99 -4.13 -0.68
CA GLN D 40 -23.27 -4.85 -0.81
C GLN D 40 -23.09 -6.35 -0.70
N GLN D 41 -21.84 -6.80 -0.58
CA GLN D 41 -21.55 -8.22 -0.48
C GLN D 41 -21.52 -8.69 0.96
N ARG D 42 -22.19 -9.81 1.23
CA ARG D 42 -22.09 -10.48 2.51
C ARG D 42 -21.81 -11.95 2.29
N LEU D 43 -20.58 -12.36 2.57
CA LEU D 43 -20.14 -13.73 2.34
C LEU D 43 -20.39 -14.62 3.55
N ILE D 44 -20.86 -15.83 3.28
CA ILE D 44 -21.16 -16.80 4.33
C ILE D 44 -20.38 -18.09 4.10
N PHE D 45 -19.90 -18.68 5.18
CA PHE D 45 -19.28 -20.00 5.12
C PHE D 45 -19.53 -20.77 6.41
N ALA D 46 -20.03 -21.99 6.26
CA ALA D 46 -20.39 -22.83 7.40
C ALA D 46 -21.33 -22.09 8.35
N GLY D 47 -22.32 -21.42 7.78
CA GLY D 47 -23.34 -20.72 8.56
C GLY D 47 -22.81 -19.51 9.33
N LYS D 48 -21.63 -19.04 8.96
CA LYS D 48 -20.98 -17.93 9.66
C LYS D 48 -20.62 -16.80 8.70
N GLN D 49 -20.88 -15.57 9.12
CA GLN D 49 -20.58 -14.40 8.31
C GLN D 49 -19.08 -14.10 8.34
N LEU D 50 -18.51 -13.85 7.16
CA LEU D 50 -17.09 -13.58 7.04
C LEU D 50 -16.80 -12.09 7.25
N GLU D 51 -16.03 -11.78 8.28
CA GLU D 51 -15.75 -10.39 8.63
C GLU D 51 -14.56 -9.85 7.84
N ASP D 52 -14.65 -8.59 7.46
CA ASP D 52 -13.55 -7.90 6.79
C ASP D 52 -12.34 -7.85 7.71
N GLY D 53 -11.16 -8.08 7.14
CA GLY D 53 -9.92 -8.06 7.90
C GLY D 53 -9.36 -9.46 8.11
N ARG D 54 -10.22 -10.38 8.51
CA ARG D 54 -9.81 -11.77 8.73
C ARG D 54 -9.53 -12.45 7.40
N THR D 55 -8.81 -13.57 7.44
CA THR D 55 -8.42 -14.28 6.23
C THR D 55 -9.28 -15.52 6.01
N LEU D 56 -9.18 -16.10 4.82
CA LEU D 56 -9.88 -17.33 4.49
C LEU D 56 -9.41 -18.48 5.37
N SER D 57 -8.13 -18.44 5.76
CA SER D 57 -7.56 -19.49 6.59
C SER D 57 -8.06 -19.39 8.03
N ASP D 58 -8.46 -18.20 8.44
CA ASP D 58 -9.04 -18.01 9.77
C ASP D 58 -10.40 -18.70 9.87
N TYR D 59 -11.03 -18.95 8.73
CA TYR D 59 -12.33 -19.59 8.67
C TYR D 59 -12.25 -21.03 8.18
N ASN D 60 -11.03 -21.58 8.13
CA ASN D 60 -10.81 -22.94 7.66
C ASN D 60 -11.34 -23.14 6.23
N ILE D 61 -11.33 -22.07 5.44
CA ILE D 61 -11.77 -22.15 4.05
C ILE D 61 -10.68 -22.76 3.19
N GLN D 62 -10.84 -24.05 2.88
CA GLN D 62 -9.86 -24.78 2.08
C GLN D 62 -10.20 -24.71 0.61
N LYS D 63 -9.45 -25.43 -0.21
CA LYS D 63 -9.65 -25.42 -1.66
C LYS D 63 -10.96 -26.10 -2.04
N GLU D 64 -11.56 -25.61 -3.12
CA GLU D 64 -12.83 -26.15 -3.64
C GLU D 64 -13.98 -25.90 -2.67
N SER D 65 -13.79 -25.00 -1.72
CA SER D 65 -14.85 -24.65 -0.77
C SER D 65 -15.92 -23.80 -1.42
N THR D 66 -17.14 -23.88 -0.89
CA THR D 66 -18.27 -23.11 -1.39
C THR D 66 -18.67 -22.02 -0.40
N LEU D 67 -18.80 -20.80 -0.91
CA LEU D 67 -19.27 -19.65 -0.12
C LEU D 67 -20.60 -19.17 -0.68
N HIS D 68 -21.28 -18.32 0.07
CA HIS D 68 -22.57 -17.78 -0.35
C HIS D 68 -22.65 -16.26 -0.20
N LEU D 69 -23.05 -15.59 -1.28
CA LEU D 69 -23.41 -14.18 -1.23
C LEU D 69 -24.88 -14.05 -0.83
N VAL D 70 -25.14 -13.62 0.41
CA VAL D 70 -26.50 -13.48 0.91
C VAL D 70 -26.92 -12.03 0.97
N LEU D 71 -28.14 -11.80 1.47
CA LEU D 71 -28.72 -10.46 1.51
C LEU D 71 -27.91 -9.53 2.42
N ARG D 72 -27.70 -8.31 1.93
CA ARG D 72 -26.91 -7.30 2.63
C ARG D 72 -27.54 -6.90 3.97
N LEU D 73 -26.69 -6.50 4.91
CA LEU D 73 -27.14 -5.93 6.17
C LEU D 73 -27.65 -4.50 5.95
N ARG D 74 -28.93 -4.27 6.21
CA ARG D 74 -29.52 -2.95 6.03
C ARG D 74 -29.03 -1.99 7.10
N GLY D 75 -28.40 -0.90 6.67
CA GLY D 75 -27.87 0.09 7.60
C GLY D 75 -27.53 1.41 6.95
N CYS D 76 -27.03 2.35 7.75
CA CYS D 76 -26.65 3.67 7.26
C CYS D 76 -25.28 3.61 6.57
N MET E 1 7.41 8.80 10.83
CA MET E 1 7.07 7.48 11.42
C MET E 1 8.34 6.73 11.82
N GLN E 2 8.17 5.49 12.27
CA GLN E 2 9.29 4.65 12.68
C GLN E 2 9.34 3.35 11.90
N ILE E 3 10.56 2.92 11.58
CA ILE E 3 10.79 1.61 10.97
C ILE E 3 11.91 0.91 11.71
N PHE E 4 12.10 -0.37 11.44
CA PHE E 4 13.10 -1.19 12.12
C PHE E 4 14.03 -1.89 11.14
N VAL E 5 15.29 -1.44 11.10
CA VAL E 5 16.29 -2.08 10.25
C VAL E 5 17.10 -3.08 11.07
N LYS E 6 17.02 -4.35 10.68
CA LYS E 6 17.73 -5.41 11.38
C LYS E 6 19.02 -5.81 10.66
N THR E 7 20.08 -6.02 11.43
CA THR E 7 21.37 -6.44 10.89
C THR E 7 21.54 -7.95 11.02
N LEU E 8 22.58 -8.48 10.38
CA LEU E 8 22.89 -9.89 10.47
C LEU E 8 23.37 -10.25 11.87
N THR E 9 23.90 -9.26 12.58
CA THR E 9 24.34 -9.45 13.96
C THR E 9 23.14 -9.78 14.85
N GLY E 10 22.01 -9.15 14.54
CA GLY E 10 20.79 -9.31 15.32
C GLY E 10 20.30 -7.97 15.86
N LYS E 11 21.16 -6.96 15.77
CA LYS E 11 20.83 -5.62 16.25
C LYS E 11 19.65 -5.04 15.46
N THR E 12 18.84 -4.22 16.14
CA THR E 12 17.70 -3.56 15.51
C THR E 12 17.88 -2.06 15.55
N ILE E 13 17.82 -1.43 14.38
CA ILE E 13 18.03 0.02 14.27
C ILE E 13 16.68 0.73 14.14
N THR E 14 16.37 1.57 15.13
CA THR E 14 15.11 2.30 15.14
C THR E 14 15.25 3.63 14.42
N LEU E 15 14.92 3.65 13.13
CA LEU E 15 15.03 4.86 12.31
C LEU E 15 13.75 5.68 12.38
N GLU E 16 13.91 7.01 12.33
CA GLU E 16 12.79 7.92 12.25
C GLU E 16 12.71 8.51 10.84
N VAL E 17 11.82 7.93 10.02
CA VAL E 17 11.73 8.30 8.61
C VAL E 17 10.33 8.79 8.24
N GLU E 18 10.25 9.53 7.14
CA GLU E 18 8.99 9.92 6.55
C GLU E 18 8.67 8.97 5.39
N PRO E 19 7.38 8.67 5.16
CA PRO E 19 7.05 7.74 4.06
C PRO E 19 7.53 8.23 2.69
N SER E 20 7.83 9.53 2.58
CA SER E 20 8.29 10.10 1.32
C SER E 20 9.81 10.02 1.17
N ASP E 21 10.49 9.52 2.20
CA ASP E 21 11.94 9.35 2.13
C ASP E 21 12.33 8.31 1.08
N THR E 22 13.33 8.64 0.27
CA THR E 22 13.86 7.68 -0.70
C THR E 22 14.67 6.62 0.02
N ILE E 23 14.98 5.53 -0.67
CA ILE E 23 15.83 4.49 -0.09
C ILE E 23 17.22 5.06 0.16
N GLU E 24 17.64 5.99 -0.70
CA GLU E 24 18.92 6.68 -0.52
C GLU E 24 18.92 7.47 0.78
N ASN E 25 17.80 8.12 1.07
CA ASN E 25 17.66 8.88 2.32
C ASN E 25 17.77 7.97 3.54
N VAL E 26 17.07 6.84 3.50
CA VAL E 26 17.08 5.89 4.60
C VAL E 26 18.48 5.31 4.79
N LYS E 27 19.18 5.07 3.68
CA LYS E 27 20.55 4.61 3.74
C LYS E 27 21.45 5.67 4.38
N ALA E 28 21.14 6.94 4.10
CA ALA E 28 21.89 8.05 4.69
C ALA E 28 21.54 8.21 6.15
N LYS E 29 20.28 7.95 6.50
CA LYS E 29 19.84 7.98 7.88
C LYS E 29 20.63 6.97 8.71
N ILE E 30 20.92 5.82 8.10
CA ILE E 30 21.65 4.75 8.77
C ILE E 30 23.12 5.10 8.96
N GLN E 31 23.71 5.81 7.99
CA GLN E 31 25.11 6.21 8.08
C GLN E 31 25.33 7.12 9.29
N ASP E 32 24.42 8.04 9.51
CA ASP E 32 24.54 9.00 10.60
C ASP E 32 24.43 8.32 11.96
N LYS E 33 23.73 7.19 12.00
CA LYS E 33 23.44 6.52 13.27
C LYS E 33 24.38 5.35 13.55
N GLU E 34 24.67 4.55 12.52
CA GLU E 34 25.51 3.36 12.68
C GLU E 34 26.94 3.60 12.19
N GLY E 35 27.09 4.41 11.15
CA GLY E 35 28.39 4.71 10.58
C GLY E 35 28.67 3.94 9.30
N ILE E 36 27.69 3.18 8.82
CA ILE E 36 27.84 2.40 7.60
C ILE E 36 27.49 3.25 6.38
N PRO E 37 28.45 3.46 5.46
CA PRO E 37 28.13 4.32 4.31
C PRO E 37 27.07 3.71 3.39
N PRO E 38 26.26 4.54 2.71
CA PRO E 38 25.22 4.05 1.81
C PRO E 38 25.73 3.11 0.73
N ASP E 39 27.00 3.27 0.33
CA ASP E 39 27.58 2.46 -0.72
C ASP E 39 27.67 0.99 -0.32
N GLN E 40 27.93 0.75 0.97
CA GLN E 40 28.10 -0.60 1.48
C GLN E 40 26.80 -1.18 2.04
N GLN E 41 25.68 -0.51 1.77
CA GLN E 41 24.37 -0.92 2.30
C GLN E 41 23.49 -1.54 1.23
N ARG E 42 22.87 -2.67 1.58
CA ARG E 42 21.89 -3.32 0.73
C ARG E 42 20.65 -3.63 1.57
N LEU E 43 19.61 -2.84 1.40
CA LEU E 43 18.41 -2.95 2.23
C LEU E 43 17.40 -3.92 1.62
N ILE E 44 16.77 -4.73 2.47
CA ILE E 44 15.81 -5.73 2.04
C ILE E 44 14.47 -5.54 2.75
N PHE E 45 13.39 -5.77 2.03
CA PHE E 45 12.04 -5.71 2.60
C PHE E 45 11.13 -6.69 1.88
N ALA E 46 10.55 -7.61 2.64
CA ALA E 46 9.69 -8.66 2.10
C ALA E 46 10.42 -9.47 1.03
N GLY E 47 11.62 -9.93 1.37
CA GLY E 47 12.41 -10.76 0.47
C GLY E 47 12.84 -10.07 -0.80
N LYS E 48 12.68 -8.74 -0.85
CA LYS E 48 13.00 -7.97 -2.05
C LYS E 48 14.01 -6.87 -1.76
N GLN E 49 14.91 -6.64 -2.70
CA GLN E 49 15.91 -5.59 -2.56
C GLN E 49 15.33 -4.22 -2.91
N LEU E 50 15.54 -3.27 -2.01
CA LEU E 50 15.06 -1.91 -2.20
C LEU E 50 16.00 -1.12 -3.12
N GLU E 51 15.44 -0.56 -4.18
CA GLU E 51 16.22 0.22 -5.14
C GLU E 51 16.35 1.67 -4.69
N ASP E 52 17.52 2.26 -4.91
CA ASP E 52 17.83 3.60 -4.40
C ASP E 52 16.87 4.68 -4.89
N GLY E 53 16.46 4.59 -6.16
CA GLY E 53 15.69 5.64 -6.79
C GLY E 53 14.25 5.76 -6.32
N ARG E 54 13.78 4.81 -5.53
CA ARG E 54 12.37 4.78 -5.10
C ARG E 54 12.21 5.18 -3.64
N THR E 55 10.96 5.20 -3.17
CA THR E 55 10.65 5.63 -1.82
C THR E 55 10.08 4.49 -0.97
N LEU E 56 9.95 4.74 0.32
CA LEU E 56 9.39 3.76 1.25
C LEU E 56 7.95 3.43 0.88
N SER E 57 7.24 4.42 0.34
CA SER E 57 5.83 4.25 -0.01
C SER E 57 5.66 3.46 -1.30
N ASP E 58 6.67 3.49 -2.16
CA ASP E 58 6.65 2.71 -3.40
C ASP E 58 6.67 1.21 -3.08
N TYR E 59 7.17 0.88 -1.90
CA TYR E 59 7.22 -0.52 -1.44
C TYR E 59 6.21 -0.76 -0.31
N ASN E 60 5.34 0.22 -0.08
CA ASN E 60 4.32 0.13 0.96
C ASN E 60 4.92 -0.16 2.34
N ILE E 61 6.03 0.49 2.63
CA ILE E 61 6.67 0.39 3.94
C ILE E 61 6.02 1.42 4.86
N GLN E 62 5.58 0.98 6.03
CA GLN E 62 4.83 1.84 6.95
C GLN E 62 5.38 1.75 8.37
N LYS E 63 4.60 2.23 9.33
CA LYS E 63 5.01 2.23 10.73
C LYS E 63 5.31 0.82 11.24
N GLU E 64 6.43 0.70 11.96
CA GLU E 64 6.82 -0.57 12.57
C GLU E 64 7.22 -1.63 11.54
N SER E 65 7.39 -1.21 10.29
CA SER E 65 7.86 -2.12 9.25
C SER E 65 9.29 -2.56 9.56
N THR E 66 9.64 -3.77 9.16
CA THR E 66 10.97 -4.33 9.40
C THR E 66 11.75 -4.47 8.11
N LEU E 67 12.93 -3.85 8.08
CA LEU E 67 13.87 -3.99 6.96
C LEU E 67 15.08 -4.79 7.42
N HIS E 68 15.81 -5.38 6.47
CA HIS E 68 17.03 -6.10 6.77
C HIS E 68 18.22 -5.46 6.05
N LEU E 69 19.24 -5.11 6.82
CA LEU E 69 20.46 -4.52 6.28
C LEU E 69 21.51 -5.60 6.01
N VAL E 70 21.93 -5.68 4.75
CA VAL E 70 22.97 -6.62 4.34
C VAL E 70 24.15 -5.87 3.73
N LEU E 71 25.35 -6.14 4.24
CA LEU E 71 26.55 -5.49 3.73
C LEU E 71 26.98 -6.12 2.40
N ARG E 72 27.00 -5.30 1.35
CA ARG E 72 27.37 -5.77 0.02
C ARG E 72 27.33 -4.62 -0.98
N MET F 1 7.22 26.38 30.03
CA MET F 1 7.71 27.67 30.60
C MET F 1 6.60 28.37 31.36
N GLN F 2 6.56 29.71 31.26
CA GLN F 2 5.52 30.51 31.91
C GLN F 2 4.91 31.48 30.91
N ILE F 3 4.26 30.94 29.89
CA ILE F 3 3.68 31.77 28.83
C ILE F 3 2.49 32.57 29.31
N PHE F 4 2.03 33.49 28.47
CA PHE F 4 0.87 34.33 28.78
C PHE F 4 0.03 34.56 27.53
N VAL F 5 -1.28 34.44 27.67
CA VAL F 5 -2.20 34.60 26.55
C VAL F 5 -3.14 35.79 26.77
N LYS F 6 -3.20 36.66 25.77
CA LYS F 6 -4.05 37.84 25.81
C LYS F 6 -5.35 37.60 25.04
N THR F 7 -6.43 38.24 25.51
CA THR F 7 -7.74 38.09 24.89
C THR F 7 -8.33 39.47 24.60
N LEU F 8 -9.45 39.48 23.88
CA LEU F 8 -10.15 40.73 23.57
C LEU F 8 -10.61 41.40 24.85
N THR F 9 -10.28 42.68 24.99
CA THR F 9 -10.60 43.45 26.19
C THR F 9 -9.82 42.95 27.41
N GLY F 10 -8.81 42.13 27.16
CA GLY F 10 -7.98 41.60 28.24
C GLY F 10 -8.74 40.67 29.16
N LYS F 11 -8.09 40.21 30.22
CA LYS F 11 -6.70 40.50 30.54
C LYS F 11 -5.78 39.38 30.06
N THR F 12 -4.52 39.42 30.50
CA THR F 12 -3.58 38.36 30.18
C THR F 12 -3.86 37.13 31.05
N ILE F 13 -3.63 35.95 30.49
CA ILE F 13 -3.85 34.70 31.21
C ILE F 13 -2.55 33.92 31.35
N THR F 14 -2.07 33.82 32.58
CA THR F 14 -0.87 33.03 32.87
C THR F 14 -1.21 31.56 32.90
N LEU F 15 -0.44 30.76 32.16
CA LEU F 15 -0.67 29.32 32.08
C LEU F 15 0.64 28.56 32.15
N GLU F 16 0.83 27.82 33.24
CA GLU F 16 2.04 27.02 33.42
C GLU F 16 2.07 25.86 32.42
N VAL F 17 3.05 25.89 31.52
CA VAL F 17 3.21 24.85 30.52
C VAL F 17 4.70 24.53 30.32
N GLU F 18 4.96 23.56 29.46
CA GLU F 18 6.33 23.17 29.11
C GLU F 18 6.57 23.50 27.65
N PRO F 19 7.83 23.81 27.27
CA PRO F 19 8.08 24.13 25.86
C PRO F 19 7.90 22.93 24.91
N SER F 20 7.45 21.79 25.43
CA SER F 20 7.17 20.61 24.61
C SER F 20 5.66 20.40 24.45
N ASP F 21 4.88 21.12 25.23
CA ASP F 21 3.42 21.01 25.18
C ASP F 21 2.87 21.38 23.81
N THR F 22 1.99 20.53 23.28
CA THR F 22 1.39 20.77 21.97
C THR F 22 0.38 21.91 22.04
N ILE F 23 0.03 22.45 20.88
CA ILE F 23 -0.96 23.52 20.80
C ILE F 23 -2.33 23.00 21.25
N GLU F 24 -2.55 21.71 21.03
CA GLU F 24 -3.75 21.05 21.53
C GLU F 24 -3.77 21.08 23.05
N ASN F 25 -2.62 20.77 23.65
CA ASN F 25 -2.48 20.80 25.10
C ASN F 25 -2.62 22.22 25.64
N VAL F 26 -2.03 23.18 24.94
CA VAL F 26 -2.15 24.58 25.30
C VAL F 26 -3.60 25.03 25.18
N LYS F 27 -4.23 24.68 24.07
CA LYS F 27 -5.63 25.02 23.83
C LYS F 27 -6.55 24.29 24.82
N ALA F 28 -6.04 23.22 25.43
CA ALA F 28 -6.80 22.47 26.42
C ALA F 28 -6.68 23.12 27.80
N LYS F 29 -5.58 23.83 28.02
CA LYS F 29 -5.33 24.50 29.29
C LYS F 29 -6.19 25.76 29.43
N ILE F 30 -6.12 26.62 28.42
CA ILE F 30 -6.92 27.84 28.39
C ILE F 30 -8.40 27.52 28.55
N GLN F 31 -8.81 26.34 28.08
CA GLN F 31 -10.19 25.89 28.21
C GLN F 31 -10.52 25.60 29.67
N ASP F 32 -9.56 25.01 30.38
CA ASP F 32 -9.76 24.65 31.79
C ASP F 32 -9.51 25.83 32.72
N LYS F 33 -9.13 26.97 32.15
CA LYS F 33 -8.80 28.16 32.93
C LYS F 33 -9.83 29.28 32.74
N GLU F 34 -10.30 29.43 31.50
CA GLU F 34 -11.23 30.50 31.15
C GLU F 34 -12.59 29.95 30.71
N GLY F 35 -12.66 28.66 30.42
CA GLY F 35 -13.90 28.03 30.00
C GLY F 35 -14.21 28.27 28.54
N ILE F 36 -13.16 28.45 27.73
CA ILE F 36 -13.31 28.66 26.29
C ILE F 36 -13.09 27.35 25.53
N PRO F 37 -14.09 26.93 24.73
CA PRO F 37 -13.90 25.70 23.95
C PRO F 37 -12.77 25.82 22.93
N PRO F 38 -11.91 24.78 22.80
CA PRO F 38 -10.79 24.83 21.85
C PRO F 38 -11.20 25.13 20.40
N ASP F 39 -12.38 24.69 19.99
CA ASP F 39 -12.83 24.90 18.62
C ASP F 39 -13.19 26.36 18.34
N GLN F 40 -13.33 27.14 19.41
CA GLN F 40 -13.58 28.57 19.29
C GLN F 40 -12.33 29.38 19.63
N GLN F 41 -11.19 28.70 19.67
CA GLN F 41 -9.91 29.33 19.99
C GLN F 41 -9.01 29.42 18.76
N ARG F 42 -8.20 30.47 18.71
CA ARG F 42 -7.23 30.64 17.64
C ARG F 42 -6.01 31.40 18.17
N LEU F 43 -4.94 30.66 18.45
CA LEU F 43 -3.75 31.24 19.06
C LEU F 43 -2.84 31.92 18.03
N ILE F 44 -2.31 33.08 18.40
CA ILE F 44 -1.41 33.84 17.53
C ILE F 44 -0.08 34.13 18.24
N PHE F 45 1.00 34.04 17.49
CA PHE F 45 2.33 34.36 18.02
C PHE F 45 3.24 34.83 16.89
N ALA F 46 3.92 35.94 17.11
CA ALA F 46 4.78 36.56 16.09
C ALA F 46 3.95 36.88 14.83
N GLY F 47 2.68 37.20 15.03
CA GLY F 47 1.81 37.57 13.93
C GLY F 47 1.52 36.41 12.99
N LYS F 48 1.53 35.19 13.53
CA LYS F 48 1.28 33.99 12.73
C LYS F 48 0.46 32.98 13.53
N GLN F 49 -0.53 32.39 12.88
CA GLN F 49 -1.39 31.39 13.52
C GLN F 49 -0.65 30.08 13.75
N LEU F 50 -0.94 29.43 14.86
CA LEU F 50 -0.25 28.21 15.26
C LEU F 50 -0.97 26.97 14.73
N GLU F 51 -0.21 26.08 14.09
CA GLU F 51 -0.75 24.81 13.65
C GLU F 51 -1.16 23.99 14.86
N ASP F 52 -2.36 23.42 14.82
CA ASP F 52 -2.92 22.71 15.96
C ASP F 52 -2.07 21.52 16.34
N GLY F 53 -1.54 20.83 15.34
CA GLY F 53 -0.72 19.64 15.57
C GLY F 53 0.76 19.97 15.72
N ARG F 54 1.06 21.06 16.43
CA ARG F 54 2.44 21.46 16.68
C ARG F 54 2.64 21.75 18.16
N THR F 55 3.82 22.24 18.52
CA THR F 55 4.13 22.57 19.90
C THR F 55 5.02 23.81 19.99
N LEU F 56 5.33 24.23 21.22
CA LEU F 56 6.18 25.39 21.43
C LEU F 56 7.61 25.14 20.94
N SER F 57 8.02 23.88 20.98
CA SER F 57 9.36 23.49 20.53
C SER F 57 9.50 23.69 19.03
N ASP F 58 8.38 23.68 18.32
CA ASP F 58 8.39 23.85 16.87
C ASP F 58 8.41 25.33 16.47
N TYR F 59 7.66 26.15 17.21
CA TYR F 59 7.54 27.57 16.91
C TYR F 59 8.51 28.43 17.73
N ASN F 60 9.39 27.76 18.48
CA ASN F 60 10.44 28.45 19.24
C ASN F 60 9.86 29.40 20.29
N ILE F 61 8.71 29.05 20.85
CA ILE F 61 8.11 29.83 21.92
C ILE F 61 8.90 29.64 23.21
N GLN F 62 9.68 30.66 23.58
CA GLN F 62 10.56 30.57 24.74
C GLN F 62 9.83 30.89 26.04
N LYS F 63 10.59 31.08 27.11
CA LYS F 63 10.02 31.38 28.42
C LYS F 63 9.45 32.78 28.49
N GLU F 64 8.31 32.91 29.17
CA GLU F 64 7.61 34.19 29.30
C GLU F 64 7.32 34.77 27.92
N SER F 65 6.45 34.11 27.17
CA SER F 65 6.05 34.57 25.86
C SER F 65 4.67 35.23 25.93
N THR F 66 4.29 35.91 24.86
CA THR F 66 2.99 36.58 24.79
C THR F 66 2.20 36.09 23.58
N LEU F 67 1.07 35.44 23.86
CA LEU F 67 0.19 34.94 22.81
C LEU F 67 -1.09 35.78 22.75
N HIS F 68 -1.87 35.58 21.70
CA HIS F 68 -3.14 36.28 21.54
C HIS F 68 -4.24 35.30 21.15
N LEU F 69 -5.42 35.47 21.76
CA LEU F 69 -6.57 34.65 21.44
C LEU F 69 -7.49 35.40 20.49
N VAL F 70 -7.76 34.80 19.34
CA VAL F 70 -8.58 35.42 18.30
C VAL F 70 -9.83 34.59 18.05
N LEU F 71 -10.89 35.24 17.56
CA LEU F 71 -12.13 34.55 17.24
C LEU F 71 -11.91 33.48 16.17
N ARG F 72 -12.76 32.48 16.16
CA ARG F 72 -12.64 31.38 15.21
C ARG F 72 -12.88 31.85 13.78
N ILE G 3 2.43 -12.68 -36.27
CA ILE G 3 3.50 -12.49 -35.30
C ILE G 3 4.79 -13.16 -35.74
N PHE G 4 5.90 -12.44 -35.64
CA PHE G 4 7.21 -12.96 -36.00
C PHE G 4 8.07 -13.16 -34.75
N VAL G 5 9.06 -14.04 -34.85
CA VAL G 5 9.98 -14.29 -33.75
C VAL G 5 11.39 -14.51 -34.28
N LYS G 6 12.33 -13.68 -33.82
CA LYS G 6 13.73 -13.78 -34.22
C LYS G 6 14.55 -14.51 -33.18
N THR G 7 15.74 -14.96 -33.57
CA THR G 7 16.68 -15.60 -32.66
C THR G 7 18.03 -14.91 -32.71
N LEU G 8 18.94 -15.30 -31.83
CA LEU G 8 20.24 -14.65 -31.72
C LEU G 8 21.05 -14.73 -33.02
N THR G 9 20.85 -15.80 -33.78
CA THR G 9 21.59 -15.99 -35.02
C THR G 9 20.98 -15.19 -36.17
N GLY G 10 19.90 -14.45 -35.88
CA GLY G 10 19.25 -13.63 -36.88
C GLY G 10 18.17 -14.37 -37.65
N LYS G 11 18.03 -15.66 -37.37
CA LYS G 11 17.02 -16.48 -38.02
C LYS G 11 15.62 -15.98 -37.68
N THR G 12 14.74 -15.98 -38.67
CA THR G 12 13.38 -15.47 -38.50
C THR G 12 12.36 -16.61 -38.57
N ILE G 13 11.43 -16.62 -37.61
CA ILE G 13 10.40 -17.65 -37.54
C ILE G 13 9.02 -17.03 -37.70
N THR G 14 8.27 -17.49 -38.70
CA THR G 14 6.94 -16.95 -39.00
C THR G 14 5.86 -17.75 -38.28
N LEU G 15 5.04 -17.05 -37.49
CA LEU G 15 3.97 -17.67 -36.72
C LEU G 15 2.62 -17.02 -37.00
N GLU G 16 1.59 -17.85 -37.15
CA GLU G 16 0.21 -17.37 -37.31
C GLU G 16 -0.58 -17.68 -36.03
N VAL G 17 -0.63 -16.71 -35.13
CA VAL G 17 -1.25 -16.89 -33.82
C VAL G 17 -2.27 -15.80 -33.54
N GLU G 18 -3.34 -16.15 -32.83
CA GLU G 18 -4.37 -15.19 -32.47
C GLU G 18 -3.95 -14.35 -31.27
N PRO G 19 -4.46 -13.11 -31.16
CA PRO G 19 -4.14 -12.28 -30.00
C PRO G 19 -4.61 -12.89 -28.68
N SER G 20 -5.68 -13.68 -28.75
CA SER G 20 -6.23 -14.31 -27.55
C SER G 20 -5.34 -15.46 -27.08
N ASP G 21 -4.50 -15.97 -27.98
CA ASP G 21 -3.61 -17.08 -27.66
C ASP G 21 -2.62 -16.68 -26.57
N THR G 22 -2.26 -17.66 -25.73
CA THR G 22 -1.34 -17.42 -24.62
C THR G 22 0.11 -17.64 -25.04
N ILE G 23 1.01 -17.51 -24.07
CA ILE G 23 2.44 -17.67 -24.32
C ILE G 23 2.86 -19.13 -24.23
N GLU G 24 2.24 -19.86 -23.31
CA GLU G 24 2.53 -21.29 -23.15
C GLU G 24 2.22 -22.03 -24.43
N ASN G 25 1.12 -21.67 -25.08
CA ASN G 25 0.74 -22.27 -26.35
C ASN G 25 1.64 -21.78 -27.47
N VAL G 26 2.16 -20.57 -27.32
CA VAL G 26 3.07 -19.99 -28.30
C VAL G 26 4.44 -20.64 -28.21
N LYS G 27 4.88 -20.94 -27.00
CA LYS G 27 6.14 -21.62 -26.78
C LYS G 27 6.07 -23.06 -27.29
N ALA G 28 4.92 -23.69 -27.07
CA ALA G 28 4.70 -25.05 -27.53
C ALA G 28 4.45 -25.07 -29.04
N LYS G 29 3.84 -24.01 -29.54
CA LYS G 29 3.61 -23.88 -30.98
C LYS G 29 4.93 -23.81 -31.72
N ILE G 30 5.95 -23.29 -31.05
CA ILE G 30 7.29 -23.20 -31.61
C ILE G 30 8.01 -24.55 -31.52
N GLN G 31 7.58 -25.38 -30.57
CA GLN G 31 8.18 -26.70 -30.39
C GLN G 31 7.87 -27.59 -31.58
N ASP G 32 6.60 -27.61 -31.99
CA ASP G 32 6.18 -28.42 -33.12
C ASP G 32 6.76 -27.87 -34.42
N LYS G 33 7.21 -26.62 -34.39
CA LYS G 33 7.75 -25.96 -35.57
C LYS G 33 9.25 -26.19 -35.70
N GLU G 34 10.02 -25.64 -34.77
CA GLU G 34 11.48 -25.66 -34.85
C GLU G 34 12.09 -26.85 -34.11
N GLY G 35 11.49 -27.22 -32.98
CA GLY G 35 11.93 -28.38 -32.23
C GLY G 35 12.43 -28.05 -30.83
N ILE G 36 12.51 -26.78 -30.50
CA ILE G 36 12.99 -26.35 -29.19
C ILE G 36 11.93 -26.60 -28.12
N PRO G 37 12.32 -27.25 -27.00
CA PRO G 37 11.33 -27.50 -25.95
C PRO G 37 10.96 -26.22 -25.18
N PRO G 38 9.66 -26.01 -24.90
CA PRO G 38 9.24 -24.79 -24.18
C PRO G 38 9.85 -24.66 -22.79
N ASP G 39 10.38 -25.76 -22.24
CA ASP G 39 10.99 -25.74 -20.92
C ASP G 39 12.17 -24.79 -20.85
N GLN G 40 12.68 -24.40 -22.01
CA GLN G 40 13.83 -23.50 -22.10
C GLN G 40 13.66 -22.51 -23.25
N GLN G 41 12.67 -21.62 -23.11
CA GLN G 41 12.39 -20.62 -24.14
C GLN G 41 12.07 -19.26 -23.53
N ARG G 42 13.05 -18.63 -22.90
CA ARG G 42 12.90 -17.26 -22.42
C ARG G 42 12.91 -16.32 -23.62
N LEU G 43 12.01 -15.33 -23.61
CA LEU G 43 11.89 -14.41 -24.72
C LEU G 43 11.44 -13.03 -24.26
N ILE G 44 11.82 -12.01 -25.01
CA ILE G 44 11.50 -10.63 -24.68
C ILE G 44 10.60 -9.99 -25.73
N PHE G 45 9.90 -8.93 -25.33
CA PHE G 45 9.13 -8.11 -26.25
C PHE G 45 9.22 -6.64 -25.87
N ASP G 52 4.49 -16.16 -19.04
CA ASP G 52 3.96 -17.36 -19.68
C ASP G 52 2.45 -17.45 -19.49
N GLY G 53 1.96 -16.85 -18.40
CA GLY G 53 0.56 -16.92 -18.06
C GLY G 53 -0.33 -16.02 -18.89
N ARG G 54 0.13 -14.79 -19.11
CA ARG G 54 -0.68 -13.77 -19.81
C ARG G 54 -0.61 -13.94 -21.33
N THR G 55 -1.53 -13.28 -22.04
CA THR G 55 -1.66 -13.45 -23.49
C THR G 55 -0.84 -12.42 -24.29
N LEU G 56 -0.98 -12.48 -25.61
CA LEU G 56 -0.41 -11.47 -26.49
C LEU G 56 -1.20 -10.19 -26.36
N SER G 57 -2.52 -10.35 -26.28
CA SER G 57 -3.43 -9.23 -26.06
C SER G 57 -3.11 -8.52 -24.75
N ASP G 58 -2.65 -9.28 -23.76
CA ASP G 58 -2.28 -8.71 -22.48
C ASP G 58 -1.09 -7.77 -22.62
N TYR G 59 -0.19 -8.09 -23.56
CA TYR G 59 1.01 -7.27 -23.78
C TYR G 59 0.90 -6.43 -25.06
N ASN G 60 -0.33 -6.24 -25.54
CA ASN G 60 -0.60 -5.38 -26.69
C ASN G 60 0.16 -5.81 -27.95
N ILE G 61 0.43 -7.11 -28.07
CA ILE G 61 1.15 -7.64 -29.21
C ILE G 61 0.17 -7.98 -30.33
N GLN G 62 0.39 -7.39 -31.50
CA GLN G 62 -0.54 -7.54 -32.63
C GLN G 62 0.16 -8.08 -33.88
N LYS G 63 -0.41 -7.81 -35.04
CA LYS G 63 0.12 -8.31 -36.30
C LYS G 63 1.49 -7.71 -36.62
N GLU G 64 2.30 -8.47 -37.35
CA GLU G 64 3.64 -8.04 -37.74
C GLU G 64 4.51 -7.72 -36.53
N SER G 65 4.22 -8.38 -35.41
CA SER G 65 4.97 -8.17 -34.18
C SER G 65 6.40 -8.65 -34.31
N THR G 66 7.24 -8.29 -33.34
CA THR G 66 8.63 -8.71 -33.34
C THR G 66 9.15 -8.91 -31.91
N LEU G 67 9.10 -10.15 -31.45
CA LEU G 67 9.78 -10.57 -30.23
C LEU G 67 10.96 -11.43 -30.64
N HIS G 68 11.83 -11.76 -29.68
CA HIS G 68 12.93 -12.68 -29.96
C HIS G 68 13.21 -13.59 -28.78
N LEU G 69 13.56 -14.84 -29.09
CA LEU G 69 13.73 -15.87 -28.08
C LEU G 69 15.19 -16.15 -27.79
N VAL G 70 15.50 -16.41 -26.52
CA VAL G 70 16.84 -16.77 -26.09
C VAL G 70 16.81 -18.10 -25.36
N LEU G 71 17.79 -18.96 -25.65
CA LEU G 71 17.84 -20.30 -25.06
C LEU G 71 18.10 -20.25 -23.56
N ARG G 72 18.14 -21.41 -22.94
CA ARG G 72 18.39 -21.52 -21.50
C ARG G 72 18.87 -22.92 -21.14
N LEU G 73 19.95 -22.98 -20.36
CA LEU G 73 20.52 -24.25 -19.94
C LEU G 73 21.18 -24.13 -18.57
N ARG G 74 21.70 -25.25 -18.07
CA ARG G 74 22.44 -25.29 -16.80
C ARG G 74 21.56 -25.00 -15.59
N GLY G 75 20.27 -25.29 -15.70
CA GLY G 75 19.36 -25.16 -14.57
C GLY G 75 19.27 -23.73 -14.07
N CYS G 76 18.93 -23.54 -12.79
CA CYS G 76 18.63 -24.63 -11.86
C CYS G 76 17.31 -25.31 -12.18
N ASN H 7 49.48 -8.08 -12.90
CA ASN H 7 50.25 -9.22 -12.43
C ASN H 7 49.38 -10.46 -12.25
N LEU H 8 49.72 -11.52 -12.97
CA LEU H 8 48.98 -12.78 -12.91
C LEU H 8 49.95 -13.95 -13.05
N PRO H 9 49.74 -15.03 -12.27
CA PRO H 9 50.66 -16.17 -12.36
C PRO H 9 50.53 -16.91 -13.68
N PRO H 10 51.56 -17.71 -14.05
CA PRO H 10 51.51 -18.50 -15.28
C PRO H 10 50.33 -19.47 -15.33
N HIS H 11 49.70 -19.71 -14.18
CA HIS H 11 48.52 -20.56 -14.11
C HIS H 11 47.41 -20.03 -15.01
N ILE H 12 46.90 -18.85 -14.65
CA ILE H 12 45.83 -18.22 -15.43
C ILE H 12 46.36 -17.67 -16.75
N ILE H 13 47.67 -17.39 -16.79
CA ILE H 13 48.30 -16.86 -17.99
C ILE H 13 48.25 -17.88 -19.13
N ARG H 14 48.62 -19.13 -18.82
CA ARG H 14 48.58 -20.19 -19.81
C ARG H 14 47.14 -20.40 -20.29
N LEU H 15 46.20 -20.34 -19.35
CA LEU H 15 44.78 -20.49 -19.69
C LEU H 15 44.27 -19.25 -20.40
N VAL H 16 44.88 -18.11 -20.12
CA VAL H 16 44.50 -16.85 -20.75
C VAL H 16 44.71 -16.89 -22.26
N TYR H 17 45.89 -17.34 -22.67
CA TYR H 17 46.21 -17.45 -24.09
C TYR H 17 45.36 -18.53 -24.77
N LYS H 18 45.07 -19.59 -24.04
CA LYS H 18 44.34 -20.74 -24.58
C LYS H 18 42.95 -20.36 -25.06
N GLU H 19 42.17 -19.72 -24.19
CA GLU H 19 40.78 -19.38 -24.50
C GLU H 19 40.66 -18.30 -25.58
N VAL H 20 41.65 -17.41 -25.63
CA VAL H 20 41.60 -16.28 -26.55
C VAL H 20 41.86 -16.71 -28.00
N THR H 21 42.83 -17.59 -28.19
CA THR H 21 43.17 -18.07 -29.52
C THR H 21 41.98 -18.79 -30.16
N THR H 22 41.22 -19.51 -29.34
CA THR H 22 40.05 -20.23 -29.83
C THR H 22 38.89 -19.27 -30.10
N LEU H 23 38.83 -18.20 -29.33
CA LEU H 23 37.75 -17.22 -29.48
C LEU H 23 37.84 -16.46 -30.80
N THR H 24 39.03 -15.95 -31.10
CA THR H 24 39.24 -15.18 -32.33
C THR H 24 39.10 -16.06 -33.58
N ALA H 25 39.24 -17.37 -33.40
CA ALA H 25 39.16 -18.30 -34.51
C ALA H 25 37.74 -18.82 -34.70
N ASP H 26 36.97 -18.84 -33.63
CA ASP H 26 35.58 -19.30 -33.68
C ASP H 26 34.71 -18.54 -32.68
N PRO H 27 34.49 -17.25 -32.94
CA PRO H 27 33.67 -16.40 -32.07
C PRO H 27 32.17 -16.59 -32.31
N PRO H 28 31.32 -16.17 -31.36
CA PRO H 28 29.87 -16.29 -31.53
C PRO H 28 29.34 -15.45 -32.69
N ASP H 29 28.04 -15.57 -32.97
CA ASP H 29 27.43 -14.82 -34.06
C ASP H 29 27.42 -13.33 -33.77
N GLY H 30 27.89 -12.55 -34.73
CA GLY H 30 27.92 -11.10 -34.59
C GLY H 30 28.86 -10.63 -33.51
N ILE H 31 29.88 -11.44 -33.21
CA ILE H 31 30.87 -11.12 -32.19
C ILE H 31 32.27 -11.21 -32.81
N LYS H 32 33.06 -10.15 -32.62
CA LYS H 32 34.43 -10.13 -33.10
C LYS H 32 35.38 -9.70 -31.99
N VAL H 33 36.50 -10.40 -31.86
CA VAL H 33 37.45 -10.16 -30.79
C VAL H 33 38.80 -9.70 -31.35
N PHE H 34 39.21 -8.49 -30.97
CA PHE H 34 40.50 -7.93 -31.37
C PHE H 34 41.39 -7.79 -30.13
N PRO H 35 42.09 -8.87 -29.76
CA PRO H 35 42.88 -8.86 -28.51
C PRO H 35 44.19 -8.07 -28.63
N ASN H 36 44.68 -7.57 -27.51
CA ASN H 36 45.97 -6.92 -27.46
C ASN H 36 47.07 -7.94 -27.72
N GLU H 37 47.90 -7.67 -28.73
CA GLU H 37 48.90 -8.63 -29.19
C GLU H 37 49.94 -8.93 -28.11
N GLU H 38 50.21 -7.95 -27.25
CA GLU H 38 51.25 -8.06 -26.25
C GLU H 38 50.70 -8.09 -24.82
N ASP H 39 49.38 -8.15 -24.69
CA ASP H 39 48.75 -8.19 -23.38
C ASP H 39 47.39 -8.87 -23.43
N LEU H 40 47.33 -10.11 -22.95
CA LEU H 40 46.08 -10.86 -22.94
C LEU H 40 45.13 -10.34 -21.86
N THR H 41 45.69 -9.64 -20.88
CA THR H 41 44.90 -9.09 -19.78
C THR H 41 43.92 -8.03 -20.30
N ASP H 42 44.24 -7.44 -21.44
CA ASP H 42 43.41 -6.42 -22.06
C ASP H 42 43.05 -6.78 -23.49
N LEU H 43 41.76 -6.76 -23.81
CA LEU H 43 41.29 -7.08 -25.15
C LEU H 43 40.08 -6.23 -25.53
N GLN H 44 39.84 -6.13 -26.84
CA GLN H 44 38.71 -5.37 -27.36
C GLN H 44 37.74 -6.29 -28.11
N VAL H 45 36.46 -5.96 -28.04
CA VAL H 45 35.41 -6.78 -28.65
C VAL H 45 34.41 -5.91 -29.41
N THR H 46 34.08 -6.33 -30.62
CA THR H 46 33.03 -5.68 -31.41
C THR H 46 31.79 -6.56 -31.39
N ILE H 47 30.62 -5.92 -31.24
CA ILE H 47 29.36 -6.64 -31.14
C ILE H 47 28.31 -6.05 -32.08
N GLU H 48 27.73 -6.91 -32.92
CA GLU H 48 26.67 -6.50 -33.82
C GLU H 48 25.36 -6.34 -33.05
N GLY H 49 24.54 -5.39 -33.47
CA GLY H 49 23.25 -5.15 -32.83
C GLY H 49 22.21 -6.13 -33.32
N PRO H 50 21.57 -6.88 -32.39
CA PRO H 50 20.53 -7.82 -32.81
C PRO H 50 19.41 -7.18 -33.62
N GLU H 51 18.85 -7.90 -34.58
CA GLU H 51 17.74 -7.41 -35.37
C GLU H 51 16.47 -7.36 -34.52
N GLY H 52 15.42 -6.77 -35.08
CA GLY H 52 14.16 -6.60 -34.35
C GLY H 52 14.39 -5.72 -33.14
N THR H 53 15.32 -4.78 -33.28
CA THR H 53 15.72 -3.90 -32.19
C THR H 53 16.24 -2.59 -32.80
N PRO H 54 16.10 -1.47 -32.07
CA PRO H 54 16.61 -0.21 -32.63
C PRO H 54 18.13 -0.15 -32.80
N TYR H 55 18.83 -1.24 -32.45
CA TYR H 55 20.28 -1.28 -32.54
C TYR H 55 20.72 -1.86 -33.88
N ALA H 56 19.75 -2.23 -34.71
CA ALA H 56 20.04 -2.85 -36.01
C ALA H 56 20.74 -1.87 -36.93
N GLY H 57 21.67 -2.39 -37.74
CA GLY H 57 22.46 -1.55 -38.62
C GLY H 57 23.42 -0.68 -37.85
N GLY H 58 23.82 -1.14 -36.67
CA GLY H 58 24.73 -0.41 -35.82
C GLY H 58 25.76 -1.30 -35.16
N LEU H 59 27.03 -0.92 -35.28
CA LEU H 59 28.12 -1.66 -34.65
C LEU H 59 28.51 -1.00 -33.33
N PHE H 60 28.68 -1.81 -32.30
CA PHE H 60 29.00 -1.32 -30.96
C PHE H 60 30.34 -1.84 -30.47
N ARG H 61 31.37 -1.01 -30.60
CA ARG H 61 32.69 -1.34 -30.08
C ARG H 61 32.68 -1.29 -28.56
N MET H 62 33.29 -2.29 -27.94
CA MET H 62 33.36 -2.38 -26.48
C MET H 62 34.72 -2.87 -26.02
N LYS H 63 35.10 -2.47 -24.81
CA LYS H 63 36.36 -2.91 -24.21
C LYS H 63 36.11 -4.02 -23.20
N LEU H 64 37.18 -4.69 -22.79
CA LEU H 64 37.08 -5.77 -21.82
C LEU H 64 38.45 -6.11 -21.25
N LEU H 65 38.58 -5.99 -19.92
CA LEU H 65 39.86 -6.21 -19.25
C LEU H 65 39.73 -7.21 -18.12
N LEU H 66 40.52 -8.28 -18.19
CA LEU H 66 40.56 -9.27 -17.13
C LEU H 66 41.30 -8.69 -15.93
N GLY H 67 40.73 -8.89 -14.74
CA GLY H 67 41.32 -8.37 -13.51
C GLY H 67 41.86 -9.49 -12.64
N LYS H 68 42.30 -9.13 -11.43
CA LYS H 68 42.78 -10.11 -10.47
C LYS H 68 41.66 -11.05 -10.05
N ASP H 69 42.03 -12.14 -9.38
CA ASP H 69 41.05 -13.14 -8.95
C ASP H 69 40.36 -13.77 -10.16
N PHE H 70 41.10 -13.86 -11.27
CA PHE H 70 40.62 -14.50 -12.49
C PHE H 70 41.37 -15.81 -12.69
N PRO H 71 40.68 -16.86 -13.15
CA PRO H 71 39.26 -16.97 -13.54
C PRO H 71 38.32 -17.34 -12.40
N ALA H 72 38.82 -17.31 -11.16
CA ALA H 72 37.98 -17.58 -10.00
C ALA H 72 36.77 -16.65 -10.01
N SER H 73 37.05 -15.35 -10.04
CA SER H 73 36.03 -14.33 -10.29
C SER H 73 36.05 -13.97 -11.77
N PRO H 74 34.96 -13.40 -12.28
CA PRO H 74 34.89 -13.08 -13.71
C PRO H 74 35.71 -11.85 -14.09
N PRO H 75 36.03 -11.68 -15.38
CA PRO H 75 36.71 -10.47 -15.86
C PRO H 75 35.90 -9.21 -15.62
N LYS H 76 36.52 -8.05 -15.82
CA LYS H 76 35.83 -6.77 -15.69
C LYS H 76 35.21 -6.37 -17.03
N GLY H 77 34.10 -5.64 -16.95
CA GLY H 77 33.36 -5.23 -18.13
C GLY H 77 33.30 -3.73 -18.31
N TYR H 78 33.46 -3.28 -19.56
CA TYR H 78 33.39 -1.86 -19.90
C TYR H 78 32.82 -1.70 -21.30
N PHE H 79 32.84 -0.47 -21.82
CA PHE H 79 32.32 -0.19 -23.15
C PHE H 79 32.92 1.09 -23.71
N ILE H 109 35.41 -16.20 -21.62
CA ILE H 109 34.84 -14.92 -22.01
C ILE H 109 33.75 -15.10 -23.07
N ARG H 110 33.48 -16.36 -23.44
CA ARG H 110 32.47 -16.66 -24.45
C ARG H 110 31.07 -16.35 -23.94
N HIS H 111 30.79 -16.75 -22.70
CA HIS H 111 29.47 -16.53 -22.12
C HIS H 111 29.24 -15.04 -21.84
N VAL H 112 30.32 -14.33 -21.54
CA VAL H 112 30.24 -12.91 -21.24
C VAL H 112 29.80 -12.12 -22.47
N LEU H 113 30.39 -12.45 -23.61
CA LEU H 113 30.06 -11.78 -24.87
C LEU H 113 28.61 -12.02 -25.25
N LEU H 114 28.15 -13.26 -25.06
CA LEU H 114 26.76 -13.61 -25.35
C LEU H 114 25.82 -12.88 -24.40
N THR H 115 26.25 -12.73 -23.16
CA THR H 115 25.46 -12.02 -22.15
C THR H 115 25.26 -10.56 -22.56
N ILE H 116 26.35 -9.90 -22.95
CA ILE H 116 26.29 -8.50 -23.36
C ILE H 116 25.35 -8.29 -24.54
N LYS H 117 25.38 -9.22 -25.49
CA LYS H 117 24.54 -9.14 -26.68
C LYS H 117 23.08 -9.40 -26.34
N MET H 118 22.85 -10.13 -25.25
CA MET H 118 21.50 -10.51 -24.85
C MET H 118 20.76 -9.34 -24.20
N LEU H 119 21.50 -8.51 -23.46
CA LEU H 119 20.90 -7.33 -22.82
C LEU H 119 20.38 -6.34 -23.86
N LEU H 120 20.97 -6.37 -25.04
CA LEU H 120 20.54 -5.50 -26.14
C LEU H 120 19.22 -6.00 -26.74
N PRO H 123 18.20 -7.56 -20.59
CA PRO H 123 18.46 -6.68 -19.44
C PRO H 123 18.45 -7.44 -18.12
N ASN H 124 18.84 -6.76 -17.04
CA ASN H 124 18.88 -7.37 -15.72
C ASN H 124 18.91 -6.32 -14.61
N PRO H 125 18.10 -6.50 -13.55
CA PRO H 125 18.15 -5.55 -12.43
C PRO H 125 19.53 -5.49 -11.78
N ALA H 128 26.32 1.74 -15.30
CA ALA H 128 25.62 1.15 -14.16
C ALA H 128 24.11 1.21 -14.36
N LEU H 129 23.62 2.38 -14.78
CA LEU H 129 22.19 2.56 -15.03
C LEU H 129 21.90 3.78 -15.87
N ASN H 130 21.08 3.60 -16.91
CA ASN H 130 20.48 4.70 -17.65
C ASN H 130 19.02 4.82 -17.23
N GLU H 131 18.79 5.55 -16.15
CA GLU H 131 17.48 5.61 -15.50
C GLU H 131 16.35 5.98 -16.45
N GLU H 132 16.53 7.08 -17.19
CA GLU H 132 15.50 7.55 -18.10
C GLU H 132 15.27 6.58 -19.25
N ALA H 133 16.30 5.81 -19.60
CA ALA H 133 16.20 4.85 -20.69
C ALA H 133 15.42 3.61 -20.26
N GLY H 134 15.83 3.02 -19.15
CA GLY H 134 15.16 1.84 -18.62
C GLY H 134 13.74 2.11 -18.19
N ARG H 135 13.40 3.39 -18.08
CA ARG H 135 12.07 3.80 -17.64
C ARG H 135 11.01 3.54 -18.70
N LEU H 136 11.26 4.00 -19.93
CA LEU H 136 10.24 3.99 -20.97
C LEU H 136 10.35 2.81 -21.94
N LEU H 137 10.42 1.61 -21.37
CA LEU H 137 10.15 0.38 -22.12
C LEU H 137 8.82 -0.17 -21.61
N LEU H 138 8.55 0.09 -20.34
CA LEU H 138 7.31 -0.31 -19.70
C LEU H 138 6.39 0.90 -19.48
N GLU H 139 6.91 2.09 -19.78
CA GLU H 139 6.14 3.33 -19.68
C GLU H 139 5.83 3.90 -21.06
N ASN H 140 6.84 3.95 -21.92
CA ASN H 140 6.70 4.55 -23.24
C ASN H 140 7.67 3.93 -24.24
N TYR H 141 7.41 2.68 -24.63
CA TYR H 141 8.30 1.92 -25.51
C TYR H 141 8.62 2.66 -26.81
N GLU H 142 7.68 3.46 -27.29
CA GLU H 142 7.84 4.18 -28.54
C GLU H 142 8.98 5.19 -28.47
N GLU H 143 9.23 5.73 -27.28
CA GLU H 143 10.29 6.70 -27.07
C GLU H 143 11.65 6.01 -27.00
N TYR H 144 11.66 4.78 -26.52
CA TYR H 144 12.91 4.00 -26.42
C TYR H 144 13.41 3.64 -27.82
N ALA H 145 12.49 3.21 -28.67
CA ALA H 145 12.84 2.86 -30.04
C ALA H 145 13.31 4.10 -30.80
N ALA H 146 12.80 5.26 -30.41
CA ALA H 146 13.19 6.52 -31.03
C ALA H 146 14.52 7.00 -30.48
N ARG H 147 14.65 7.00 -29.15
CA ARG H 147 15.87 7.45 -28.49
C ARG H 147 17.05 6.55 -28.83
N ALA H 148 16.79 5.26 -28.99
CA ALA H 148 17.83 4.29 -29.28
C ALA H 148 18.23 4.31 -30.75
N ARG H 149 17.23 4.30 -31.64
CA ARG H 149 17.48 4.30 -33.07
C ARG H 149 18.19 5.58 -33.52
N LEU H 150 17.86 6.68 -32.85
CA LEU H 150 18.49 7.96 -33.15
C LEU H 150 19.97 7.95 -32.79
N LEU H 151 20.28 7.36 -31.64
CA LEU H 151 21.66 7.26 -31.17
C LEU H 151 22.47 6.32 -32.06
N THR H 152 21.86 5.20 -32.41
CA THR H 152 22.53 4.17 -33.21
C THR H 152 22.98 4.69 -34.56
N GLU H 153 22.05 5.21 -35.33
CA GLU H 153 22.32 5.66 -36.69
C GLU H 153 23.32 6.82 -36.74
N ILE H 154 23.50 7.49 -35.60
CA ILE H 154 24.41 8.63 -35.52
C ILE H 154 25.68 8.26 -34.76
N HIS H 155 25.61 8.28 -33.44
CA HIS H 155 26.77 8.00 -32.60
C HIS H 155 26.79 6.53 -32.17
#